data_1J91
#
_entry.id   1J91
#
_cell.length_a   48.255
_cell.length_b   55.943
_cell.length_c   60.302
_cell.angle_alpha   89.77
_cell.angle_beta   102.51
_cell.angle_gamma   99.27
#
_symmetry.space_group_name_H-M   'P 1'
#
loop_
_entity.id
_entity.type
_entity.pdbx_description
1 polymer 'CASEIN KINASE II, ALPHA CHAIN'
2 non-polymer 4,5,6,7-TETRABROMOBENZOTRIAZOLE
3 water water
#
_entity_poly.entity_id   1
_entity_poly.type   'polypeptide(L)'
_entity_poly.pdbx_seq_one_letter_code
;MSKARVYADVNVLRPKEYWDYEALTVQWGEQDDYEVVRKVGRGKYSEVFEGINVNNNEKCIIKILKPVKKKKIKREIKIL
QNLCGGPNIVKLLDIVRDQHSKTPSLIFEYVNNTDFKVLYPTLTDYDIRYYIYELLKALDYCHSQGIMHRDVKPHNVMID
HELRKLRLIDWGLAEFYHPGKEYNVRVASRYFKGPELLVDLQDYDYSLDMWSLGCMFAGMIFRKEPFFYGHDNHDQLVKI
AKVLGTDGLNVYLNKYRIELDPQLEALVGRHSRKPWLKFMNADNQHLVSPEAIDFLDKLLRYDHQERLTALEAMTHPYFQ
QVRAAENSRTRA
;
_entity_poly.pdbx_strand_id   A,B
#
# COMPACT_ATOMS: atom_id res chain seq x y z
N SER A 2 -21.88 -17.73 28.05
CA SER A 2 -21.31 -16.79 27.04
C SER A 2 -21.37 -17.41 25.64
N LYS A 3 -21.76 -16.59 24.66
CA LYS A 3 -21.86 -17.03 23.27
C LYS A 3 -21.19 -15.99 22.35
N ALA A 4 -20.55 -16.45 21.29
CA ALA A 4 -19.89 -15.54 20.37
C ALA A 4 -20.87 -14.48 19.86
N ARG A 5 -20.40 -13.24 19.84
CA ARG A 5 -21.20 -12.10 19.37
C ARG A 5 -21.40 -12.19 17.86
N VAL A 6 -20.46 -12.83 17.16
CA VAL A 6 -20.52 -12.99 15.70
C VAL A 6 -20.18 -14.42 15.29
N TYR A 7 -20.73 -14.85 14.15
CA TYR A 7 -20.44 -16.17 13.57
C TYR A 7 -20.67 -17.34 14.54
N ALA A 8 -21.54 -17.12 15.52
CA ALA A 8 -21.83 -18.13 16.53
C ALA A 8 -22.47 -19.41 15.98
N ASP A 9 -23.31 -19.28 14.96
CA ASP A 9 -24.00 -20.45 14.44
C ASP A 9 -23.54 -20.94 13.09
N VAL A 10 -22.36 -20.51 12.64
CA VAL A 10 -21.87 -20.94 11.35
C VAL A 10 -21.70 -22.45 11.19
N ASN A 11 -21.17 -23.14 12.19
CA ASN A 11 -20.98 -24.59 12.04
C ASN A 11 -22.28 -25.38 12.04
N VAL A 12 -23.29 -24.88 12.74
CA VAL A 12 -24.61 -25.54 12.77
C VAL A 12 -25.19 -25.57 11.36
N LEU A 13 -25.14 -24.43 10.68
CA LEU A 13 -25.67 -24.30 9.33
C LEU A 13 -24.93 -25.16 8.31
N ARG A 14 -23.66 -25.44 8.55
CA ARG A 14 -22.88 -26.25 7.63
C ARG A 14 -23.04 -27.75 7.92
N PRO A 15 -22.79 -28.60 6.93
CA PRO A 15 -22.91 -30.06 7.11
C PRO A 15 -21.99 -30.57 8.21
N LYS A 16 -22.34 -31.75 8.74
CA LYS A 16 -21.57 -32.39 9.80
C LYS A 16 -20.11 -32.63 9.37
N GLU A 17 -19.93 -33.02 8.11
CA GLU A 17 -18.62 -33.32 7.55
C GLU A 17 -17.64 -32.15 7.61
N TYR A 18 -18.16 -30.92 7.52
CA TYR A 18 -17.31 -29.74 7.55
C TYR A 18 -16.53 -29.59 8.86
N TRP A 19 -17.23 -29.74 9.98
CA TRP A 19 -16.62 -29.59 11.31
C TRP A 19 -16.27 -30.87 12.08
N ASP A 20 -16.76 -32.01 11.62
CA ASP A 20 -16.49 -33.28 12.32
C ASP A 20 -15.19 -33.89 11.81
N TYR A 21 -14.08 -33.36 12.31
CA TYR A 21 -12.75 -33.78 11.91
C TYR A 21 -12.30 -35.19 12.31
N GLU A 22 -12.92 -35.76 13.35
CA GLU A 22 -12.56 -37.12 13.78
C GLU A 22 -12.95 -38.13 12.71
N ALA A 23 -14.01 -37.82 11.97
CA ALA A 23 -14.50 -38.68 10.90
C ALA A 23 -13.86 -38.30 9.58
N LEU A 24 -12.59 -37.91 9.64
CA LEU A 24 -11.86 -37.51 8.43
C LEU A 24 -10.95 -38.62 7.92
N THR A 25 -11.15 -38.98 6.65
CA THR A 25 -10.31 -40.00 6.01
C THR A 25 -9.43 -39.32 4.96
N VAL A 26 -8.29 -38.81 5.42
CA VAL A 26 -7.32 -38.10 4.58
C VAL A 26 -6.94 -38.83 3.29
N GLN A 27 -6.76 -38.06 2.22
CA GLN A 27 -6.34 -38.61 0.94
C GLN A 27 -4.82 -38.35 0.80
N TRP A 28 -4.04 -39.36 1.13
CA TRP A 28 -2.58 -39.26 1.10
C TRP A 28 -1.94 -39.11 -0.27
N GLY A 29 -0.96 -38.21 -0.35
CA GLY A 29 -0.24 -37.98 -1.58
C GLY A 29 1.00 -38.85 -1.65
N GLU A 30 2.03 -38.36 -2.32
CA GLU A 30 3.27 -39.12 -2.46
C GLU A 30 4.47 -38.45 -1.79
N GLN A 31 5.06 -39.17 -0.84
CA GLN A 31 6.20 -38.67 -0.09
C GLN A 31 7.40 -38.47 -1.01
N ASP A 32 7.50 -39.27 -2.06
CA ASP A 32 8.60 -39.17 -3.02
C ASP A 32 8.67 -37.82 -3.71
N ASP A 33 7.51 -37.20 -3.91
CA ASP A 33 7.43 -35.91 -4.58
C ASP A 33 8.01 -34.73 -3.78
N TYR A 34 8.51 -35.00 -2.57
CA TYR A 34 9.05 -33.92 -1.75
C TYR A 34 10.32 -34.30 -1.01
N GLU A 35 11.39 -33.55 -1.26
CA GLU A 35 12.66 -33.80 -0.59
C GLU A 35 12.87 -32.78 0.54
N VAL A 36 13.35 -33.26 1.67
CA VAL A 36 13.60 -32.43 2.84
C VAL A 36 15.03 -31.91 2.75
N VAL A 37 15.18 -30.59 2.76
CA VAL A 37 16.51 -30.00 2.63
C VAL A 37 17.18 -29.59 3.93
N ARG A 38 16.56 -28.71 4.70
CA ARG A 38 17.16 -28.26 5.96
C ARG A 38 16.11 -27.92 6.97
N LYS A 39 16.42 -28.21 8.22
CA LYS A 39 15.48 -27.97 9.31
C LYS A 39 15.39 -26.51 9.77
N VAL A 40 14.15 -26.01 9.76
CA VAL A 40 13.82 -24.66 10.22
C VAL A 40 12.77 -24.96 11.28
N GLY A 41 12.44 -26.24 11.36
CA GLY A 41 11.39 -26.76 12.23
C GLY A 41 11.31 -26.82 13.72
N ARG A 42 11.20 -28.01 14.31
CA ARG A 42 11.01 -28.08 15.76
C ARG A 42 11.03 -29.37 16.55
N GLY A 43 10.44 -29.20 17.73
CA GLY A 43 10.28 -30.23 18.75
C GLY A 43 9.28 -29.92 19.87
N LYS A 44 7.99 -29.86 19.52
CA LYS A 44 6.86 -29.68 20.46
C LYS A 44 5.95 -30.79 19.98
N TYR A 45 5.20 -30.50 18.92
CA TYR A 45 4.33 -31.49 18.31
C TYR A 45 4.84 -31.71 16.89
N SER A 46 5.96 -31.06 16.53
CA SER A 46 6.46 -31.20 15.17
C SER A 46 7.86 -30.69 14.83
N GLU A 47 8.28 -31.03 13.61
CA GLU A 47 9.54 -30.65 13.02
C GLU A 47 9.20 -29.95 11.70
N VAL A 48 9.74 -28.75 11.50
CA VAL A 48 9.46 -28.02 10.29
C VAL A 48 10.74 -27.90 9.46
N PHE A 49 10.65 -28.20 8.17
CA PHE A 49 11.82 -28.15 7.32
C PHE A 49 11.56 -27.35 6.06
N GLU A 50 12.64 -27.05 5.35
CA GLU A 50 12.56 -26.36 4.08
C GLU A 50 12.87 -27.46 3.09
N GLY A 51 11.98 -27.68 2.12
CA GLY A 51 12.21 -28.71 1.12
C GLY A 51 11.90 -28.22 -0.27
N ILE A 52 11.84 -29.15 -1.22
CA ILE A 52 11.52 -28.82 -2.60
C ILE A 52 10.56 -29.85 -3.18
N ASN A 53 9.80 -29.44 -4.17
CA ASN A 53 8.84 -30.30 -4.87
C ASN A 53 9.61 -30.85 -6.08
N VAL A 54 10.02 -32.12 -6.00
CA VAL A 54 10.79 -32.74 -7.09
C VAL A 54 10.07 -32.99 -8.40
N ASN A 55 9.00 -32.25 -8.65
CA ASN A 55 8.25 -32.38 -9.89
C ASN A 55 8.20 -31.06 -10.62
N ASN A 56 8.59 -29.99 -9.91
CA ASN A 56 8.61 -28.65 -10.49
C ASN A 56 9.73 -27.80 -9.90
N ASN A 57 10.49 -28.40 -9.00
CA ASN A 57 11.63 -27.76 -8.35
C ASN A 57 11.31 -26.56 -7.43
N GLU A 58 10.06 -26.40 -7.05
CA GLU A 58 9.68 -25.28 -6.18
C GLU A 58 9.93 -25.59 -4.70
N LYS A 59 10.37 -24.57 -3.96
CA LYS A 59 10.62 -24.73 -2.53
C LYS A 59 9.28 -24.86 -1.82
N CYS A 60 9.29 -25.43 -0.63
CA CYS A 60 8.07 -25.60 0.14
C CYS A 60 8.42 -25.83 1.60
N ILE A 61 7.41 -25.81 2.47
CA ILE A 61 7.66 -26.07 3.87
C ILE A 61 7.09 -27.43 4.21
N ILE A 62 7.91 -28.27 4.83
CA ILE A 62 7.49 -29.60 5.21
C ILE A 62 7.42 -29.70 6.73
N LYS A 63 6.24 -30.01 7.23
CA LYS A 63 5.99 -30.13 8.66
C LYS A 63 5.74 -31.60 9.00
N ILE A 64 6.66 -32.20 9.76
CA ILE A 64 6.55 -33.60 10.15
C ILE A 64 6.02 -33.71 11.58
N LEU A 65 4.88 -34.37 11.72
CA LEU A 65 4.25 -34.54 13.03
C LEU A 65 4.83 -35.73 13.80
N LYS A 66 5.48 -35.42 14.91
CA LYS A 66 6.09 -36.42 15.78
C LYS A 66 5.07 -36.93 16.78
N PRO A 67 5.52 -37.41 17.95
CA PRO A 67 4.57 -37.90 18.95
C PRO A 67 3.33 -37.05 19.21
N VAL A 68 2.48 -36.99 18.19
CA VAL A 68 1.21 -36.28 18.25
C VAL A 68 0.26 -37.23 17.56
N LYS A 69 -0.37 -38.07 18.37
CA LYS A 69 -1.27 -39.10 17.88
C LYS A 69 -2.45 -38.66 16.97
N LYS A 70 -3.56 -39.40 16.98
CA LYS A 70 -4.61 -39.09 16.00
C LYS A 70 -5.52 -37.83 16.01
N LYS A 71 -6.41 -37.63 17.00
CA LYS A 71 -7.30 -36.47 16.93
C LYS A 71 -6.70 -35.21 16.33
N LYS A 72 -5.67 -34.68 16.99
CA LYS A 72 -5.00 -33.45 16.59
C LYS A 72 -4.62 -33.36 15.12
N ILE A 73 -3.94 -34.39 14.60
CA ILE A 73 -3.53 -34.39 13.21
C ILE A 73 -4.71 -34.16 12.27
N LYS A 74 -5.77 -34.95 12.41
CA LYS A 74 -6.94 -34.79 11.55
C LYS A 74 -7.50 -33.38 11.71
N ARG A 75 -7.58 -32.94 12.96
CA ARG A 75 -8.11 -31.63 13.28
C ARG A 75 -7.39 -30.52 12.50
N GLU A 76 -6.06 -30.51 12.56
CA GLU A 76 -5.28 -29.49 11.85
C GLU A 76 -5.45 -29.60 10.34
N ILE A 77 -5.45 -30.83 9.82
CA ILE A 77 -5.61 -31.06 8.38
C ILE A 77 -6.96 -30.56 7.87
N LYS A 78 -8.04 -30.86 8.60
CA LYS A 78 -9.39 -30.45 8.20
C LYS A 78 -9.56 -28.92 8.23
N ILE A 79 -9.00 -28.29 9.24
CA ILE A 79 -9.09 -26.84 9.36
C ILE A 79 -8.30 -26.18 8.23
N LEU A 80 -7.14 -26.76 7.89
CA LEU A 80 -6.33 -26.23 6.81
C LEU A 80 -7.05 -26.36 5.46
N GLN A 81 -7.65 -27.53 5.20
CA GLN A 81 -8.37 -27.76 3.95
C GLN A 81 -9.57 -26.83 3.84
N ASN A 82 -10.26 -26.61 4.95
CA ASN A 82 -11.43 -25.74 4.94
C ASN A 82 -11.07 -24.29 4.69
N LEU A 83 -9.85 -23.90 5.04
CA LEU A 83 -9.41 -22.52 4.89
C LEU A 83 -8.55 -22.26 3.65
N CYS A 84 -8.04 -23.32 3.03
CA CYS A 84 -7.18 -23.15 1.85
C CYS A 84 -7.81 -22.19 0.85
N GLY A 85 -7.06 -21.16 0.48
CA GLY A 85 -7.56 -20.18 -0.46
C GLY A 85 -8.01 -18.89 0.20
N GLY A 86 -8.07 -18.89 1.53
CA GLY A 86 -8.50 -17.70 2.24
C GLY A 86 -7.43 -16.62 2.25
N PRO A 87 -7.82 -15.35 2.45
CA PRO A 87 -6.88 -14.23 2.48
C PRO A 87 -5.78 -14.41 3.54
N ASN A 88 -4.54 -14.52 3.08
CA ASN A 88 -3.41 -14.67 3.99
C ASN A 88 -3.39 -15.87 4.91
N ILE A 89 -4.00 -16.98 4.50
CA ILE A 89 -4.00 -18.20 5.31
C ILE A 89 -2.93 -19.07 4.68
N VAL A 90 -2.01 -19.63 5.46
CA VAL A 90 -0.97 -20.48 4.88
C VAL A 90 -1.66 -21.55 4.02
N LYS A 91 -1.08 -21.85 2.86
CA LYS A 91 -1.67 -22.81 1.94
C LYS A 91 -1.14 -24.24 2.02
N LEU A 92 -2.02 -25.17 2.37
CA LEU A 92 -1.64 -26.59 2.46
C LEU A 92 -1.62 -27.13 1.03
N LEU A 93 -0.43 -27.43 0.52
CA LEU A 93 -0.28 -27.94 -0.84
C LEU A 93 -0.58 -29.43 -0.97
N ASP A 94 -0.06 -30.22 -0.04
CA ASP A 94 -0.26 -31.66 -0.08
C ASP A 94 -0.12 -32.27 1.31
N ILE A 95 -0.51 -33.52 1.43
CA ILE A 95 -0.42 -34.24 2.69
C ILE A 95 0.10 -35.63 2.36
N VAL A 96 1.32 -35.94 2.82
CA VAL A 96 1.89 -37.23 2.53
C VAL A 96 2.32 -37.99 3.78
N ARG A 97 2.80 -39.21 3.57
CA ARG A 97 3.27 -40.07 4.63
C ARG A 97 3.96 -41.26 3.99
N ASP A 98 4.45 -42.18 4.80
CA ASP A 98 5.11 -43.34 4.25
C ASP A 98 4.24 -44.58 4.28
N GLN A 99 4.37 -45.38 3.22
CA GLN A 99 3.62 -46.60 3.04
C GLN A 99 3.74 -47.55 4.23
N HIS A 100 4.94 -47.62 4.79
CA HIS A 100 5.16 -48.56 5.86
C HIS A 100 5.00 -48.15 7.30
N SER A 101 5.73 -47.15 7.78
CA SER A 101 5.53 -46.85 9.17
C SER A 101 5.62 -45.49 9.69
N LYS A 102 6.82 -44.92 9.64
CA LYS A 102 7.07 -43.59 10.20
C LYS A 102 6.09 -42.38 10.04
N THR A 103 4.79 -42.62 9.75
CA THR A 103 3.69 -41.60 9.67
C THR A 103 3.72 -40.09 9.09
N PRO A 104 2.74 -39.17 9.45
CA PRO A 104 2.54 -37.75 9.06
C PRO A 104 3.60 -36.68 8.58
N SER A 105 3.20 -35.93 7.55
CA SER A 105 3.98 -34.83 6.96
C SER A 105 3.06 -33.89 6.13
N LEU A 106 3.01 -32.62 6.52
CA LEU A 106 2.17 -31.64 5.80
C LEU A 106 3.04 -30.79 4.90
N ILE A 107 2.58 -30.58 3.66
CA ILE A 107 3.32 -29.77 2.71
C ILE A 107 2.63 -28.42 2.53
N PHE A 108 3.39 -27.35 2.67
CA PHE A 108 2.87 -25.99 2.57
C PHE A 108 3.60 -25.17 1.50
N GLU A 109 2.94 -24.12 1.03
CA GLU A 109 3.56 -23.20 0.07
C GLU A 109 4.79 -22.66 0.83
N TYR A 110 5.86 -22.28 0.15
CA TYR A 110 7.04 -21.77 0.85
C TYR A 110 6.81 -20.39 1.49
N VAL A 111 7.38 -20.19 2.67
CA VAL A 111 7.27 -18.92 3.42
C VAL A 111 8.69 -18.43 3.82
N ASN A 112 9.01 -17.15 3.59
CA ASN A 112 10.33 -16.59 3.95
C ASN A 112 10.42 -15.31 4.83
N ASN A 113 10.54 -15.62 6.11
CA ASN A 113 10.64 -14.88 7.38
C ASN A 113 11.87 -14.01 7.67
N THR A 114 11.80 -13.21 8.74
CA THR A 114 12.90 -12.33 9.16
C THR A 114 12.94 -12.32 10.66
N ASP A 115 12.95 -13.48 11.31
CA ASP A 115 12.92 -13.45 12.76
C ASP A 115 12.22 -12.16 13.15
N PHE A 116 10.94 -12.24 13.49
CA PHE A 116 10.21 -11.04 13.81
C PHE A 116 10.99 -10.03 14.66
N LYS A 117 11.88 -10.52 15.52
CA LYS A 117 12.66 -9.66 16.39
C LYS A 117 13.56 -8.67 15.64
N VAL A 118 13.96 -9.01 14.43
CA VAL A 118 14.80 -8.13 13.63
C VAL A 118 13.95 -7.23 12.71
N LEU A 119 12.77 -7.73 12.34
CA LEU A 119 11.87 -6.99 11.45
C LEU A 119 11.10 -5.86 12.11
N TYR A 120 10.43 -6.16 13.22
CA TYR A 120 9.62 -5.17 13.92
C TYR A 120 10.27 -3.81 14.17
N PRO A 121 11.58 -3.79 14.47
CA PRO A 121 12.22 -2.48 14.70
C PRO A 121 12.31 -1.65 13.42
N THR A 122 12.31 -2.31 12.27
CA THR A 122 12.42 -1.62 10.99
C THR A 122 11.06 -1.16 10.44
N LEU A 123 9.98 -1.68 11.01
CA LEU A 123 8.65 -1.31 10.55
C LEU A 123 8.29 0.15 10.80
N THR A 124 7.69 0.78 9.80
CA THR A 124 7.27 2.19 9.87
C THR A 124 5.83 2.26 10.43
N ASP A 125 5.34 3.47 10.69
CA ASP A 125 3.99 3.65 11.21
C ASP A 125 2.99 2.97 10.26
N TYR A 126 3.16 3.20 8.96
CA TYR A 126 2.28 2.63 7.95
C TYR A 126 2.42 1.12 7.78
N ASP A 127 3.62 0.60 7.97
CA ASP A 127 3.84 -0.84 7.83
C ASP A 127 3.06 -1.60 8.90
N ILE A 128 3.05 -1.10 10.12
CA ILE A 128 2.31 -1.74 11.19
C ILE A 128 0.82 -1.72 10.83
N ARG A 129 0.32 -0.56 10.42
CA ARG A 129 -1.09 -0.47 10.02
C ARG A 129 -1.39 -1.47 8.91
N TYR A 130 -0.49 -1.54 7.91
CA TYR A 130 -0.66 -2.44 6.79
C TYR A 130 -0.67 -3.92 7.16
N TYR A 131 0.30 -4.35 7.96
CA TYR A 131 0.38 -5.75 8.34
C TYR A 131 -0.70 -6.21 9.33
N ILE A 132 -1.09 -5.35 10.26
CA ILE A 132 -2.15 -5.75 11.18
C ILE A 132 -3.45 -5.87 10.38
N TYR A 133 -3.63 -4.96 9.42
CA TYR A 133 -4.83 -4.99 8.58
C TYR A 133 -4.84 -6.28 7.75
N GLU A 134 -3.67 -6.72 7.29
CA GLU A 134 -3.59 -7.97 6.50
C GLU A 134 -3.88 -9.15 7.40
N LEU A 135 -3.43 -9.08 8.64
CA LEU A 135 -3.68 -10.16 9.59
C LEU A 135 -5.18 -10.19 9.89
N LEU A 136 -5.81 -9.01 9.92
CA LEU A 136 -7.25 -8.93 10.19
C LEU A 136 -8.07 -9.64 9.15
N LYS A 137 -7.57 -9.67 7.92
CA LYS A 137 -8.28 -10.35 6.86
C LYS A 137 -8.25 -11.85 7.13
N ALA A 138 -7.13 -12.35 7.65
CA ALA A 138 -7.00 -13.78 7.94
C ALA A 138 -7.92 -14.22 9.06
N LEU A 139 -7.99 -13.43 10.13
CA LEU A 139 -8.82 -13.77 11.27
C LEU A 139 -10.30 -13.63 10.95
N ASP A 140 -10.70 -12.58 10.23
CA ASP A 140 -12.11 -12.47 9.91
C ASP A 140 -12.52 -13.63 9.01
N TYR A 141 -11.61 -14.07 8.14
CA TYR A 141 -11.94 -15.18 7.26
C TYR A 141 -12.04 -16.49 8.02
N CYS A 142 -11.04 -16.82 8.84
CA CYS A 142 -11.10 -18.08 9.57
C CYS A 142 -12.28 -18.03 10.55
N HIS A 143 -12.50 -16.88 11.18
CA HIS A 143 -13.63 -16.76 12.09
C HIS A 143 -14.96 -16.92 11.33
N SER A 144 -15.09 -16.28 10.17
CA SER A 144 -16.34 -16.40 9.42
C SER A 144 -16.54 -17.85 8.97
N GLN A 145 -15.45 -18.62 8.91
CA GLN A 145 -15.53 -20.02 8.54
C GLN A 145 -15.73 -20.88 9.79
N GLY A 146 -16.06 -20.21 10.90
CA GLY A 146 -16.31 -20.91 12.15
C GLY A 146 -15.08 -21.58 12.76
N ILE A 147 -13.93 -20.93 12.64
CA ILE A 147 -12.69 -21.49 13.19
C ILE A 147 -11.89 -20.46 14.01
N MET A 148 -11.44 -20.87 15.19
CA MET A 148 -10.62 -20.05 16.09
C MET A 148 -9.16 -20.49 15.90
N HIS A 149 -8.24 -19.53 15.78
CA HIS A 149 -6.83 -19.89 15.60
C HIS A 149 -6.19 -20.35 16.90
N ARG A 150 -6.38 -19.54 17.94
CA ARG A 150 -5.91 -19.84 19.30
C ARG A 150 -4.40 -19.80 19.59
N ASP A 151 -3.60 -19.38 18.63
CA ASP A 151 -2.17 -19.29 18.91
C ASP A 151 -1.54 -18.14 18.15
N VAL A 152 -2.25 -17.03 18.15
CA VAL A 152 -1.81 -15.80 17.48
C VAL A 152 -0.65 -15.20 18.25
N LYS A 153 0.48 -15.07 17.57
CA LYS A 153 1.68 -14.48 18.16
C LYS A 153 2.61 -14.09 17.02
N PRO A 154 3.61 -13.25 17.28
CA PRO A 154 4.52 -12.85 16.21
C PRO A 154 5.09 -14.00 15.39
N HIS A 155 5.56 -15.05 16.06
CA HIS A 155 6.13 -16.18 15.33
C HIS A 155 5.15 -16.83 14.34
N ASN A 156 3.86 -16.78 14.63
CA ASN A 156 2.87 -17.39 13.74
C ASN A 156 2.33 -16.43 12.67
N VAL A 157 2.78 -15.19 12.71
CA VAL A 157 2.38 -14.22 11.71
C VAL A 157 3.65 -13.98 10.89
N MET A 158 3.91 -14.87 9.94
CA MET A 158 5.08 -14.78 9.08
C MET A 158 4.99 -13.63 8.09
N ILE A 159 5.98 -12.75 8.12
CA ILE A 159 6.01 -11.60 7.24
C ILE A 159 7.24 -11.53 6.35
N ASP A 160 6.99 -11.55 5.04
CA ASP A 160 8.05 -11.44 4.05
C ASP A 160 8.03 -9.96 3.68
N HIS A 161 8.72 -9.14 4.45
CA HIS A 161 8.77 -7.70 4.24
C HIS A 161 9.19 -7.30 2.83
N GLU A 162 10.13 -8.04 2.26
CA GLU A 162 10.62 -7.76 0.93
C GLU A 162 9.44 -7.76 -0.05
N LEU A 163 8.55 -8.73 0.10
CA LEU A 163 7.40 -8.81 -0.78
C LEU A 163 6.13 -8.32 -0.12
N ARG A 164 6.25 -7.74 1.08
CA ARG A 164 5.08 -7.27 1.81
C ARG A 164 3.97 -8.32 1.83
N LYS A 165 4.36 -9.56 2.10
CA LYS A 165 3.45 -10.69 2.15
C LYS A 165 3.28 -11.20 3.60
N LEU A 166 2.05 -11.50 3.99
CA LEU A 166 1.78 -11.97 5.35
C LEU A 166 1.02 -13.27 5.36
N ARG A 167 1.49 -14.20 6.19
CA ARG A 167 0.84 -15.49 6.28
C ARG A 167 0.67 -15.93 7.74
N LEU A 168 -0.56 -16.28 8.10
CA LEU A 168 -0.87 -16.75 9.43
C LEU A 168 -0.65 -18.26 9.37
N ILE A 169 0.36 -18.73 10.09
CA ILE A 169 0.73 -20.13 10.08
C ILE A 169 0.42 -20.90 11.36
N ASP A 170 0.77 -22.18 11.31
CA ASP A 170 0.60 -23.12 12.42
C ASP A 170 -0.79 -23.19 13.01
N TRP A 171 -1.66 -23.97 12.39
CA TRP A 171 -3.03 -24.11 12.85
C TRP A 171 -3.18 -25.35 13.74
N GLY A 172 -2.06 -25.78 14.34
CA GLY A 172 -2.07 -26.94 15.20
C GLY A 172 -2.94 -26.77 16.45
N LEU A 173 -3.18 -25.53 16.86
CA LEU A 173 -4.01 -25.29 18.04
C LEU A 173 -5.41 -24.79 17.71
N ALA A 174 -5.70 -24.63 16.42
CA ALA A 174 -7.02 -24.14 15.99
C ALA A 174 -8.14 -25.14 16.31
N GLU A 175 -9.36 -24.62 16.41
CA GLU A 175 -10.55 -25.44 16.71
C GLU A 175 -11.81 -24.84 16.08
N PHE A 176 -12.83 -25.66 15.89
CA PHE A 176 -14.09 -25.19 15.32
C PHE A 176 -14.91 -24.61 16.47
N TYR A 177 -15.57 -23.48 16.25
CA TYR A 177 -16.39 -22.89 17.30
C TYR A 177 -17.81 -23.46 17.34
N HIS A 178 -18.27 -23.78 18.54
CA HIS A 178 -19.61 -24.32 18.78
C HIS A 178 -20.19 -23.58 19.98
N PRO A 179 -21.39 -22.99 19.81
CA PRO A 179 -22.07 -22.24 20.87
C PRO A 179 -22.14 -23.01 22.20
N GLY A 180 -21.71 -22.36 23.28
CA GLY A 180 -21.73 -22.98 24.58
C GLY A 180 -20.71 -24.08 24.86
N LYS A 181 -19.88 -24.42 23.89
CA LYS A 181 -18.91 -25.49 24.12
C LYS A 181 -17.78 -25.08 25.07
N GLU A 182 -17.37 -26.01 25.92
CA GLU A 182 -16.30 -25.76 26.88
C GLU A 182 -14.99 -26.23 26.28
N TYR A 183 -14.08 -25.28 26.01
CA TYR A 183 -12.79 -25.61 25.42
C TYR A 183 -11.66 -25.72 26.44
N ASN A 184 -10.56 -26.30 26.00
CA ASN A 184 -9.34 -26.45 26.81
C ASN A 184 -8.76 -25.04 26.86
N VAL A 185 -8.33 -24.59 28.04
CA VAL A 185 -7.76 -23.25 28.13
C VAL A 185 -6.23 -23.24 27.94
N ARG A 186 -5.64 -24.43 27.83
CA ARG A 186 -4.20 -24.51 27.63
C ARG A 186 -3.88 -24.34 26.15
N VAL A 187 -4.09 -23.12 25.65
CA VAL A 187 -3.82 -22.80 24.26
C VAL A 187 -3.08 -21.46 24.23
N ALA A 188 -2.55 -21.10 23.07
CA ALA A 188 -1.79 -19.86 22.89
C ALA A 188 -0.46 -19.97 23.64
N SER A 189 0.30 -18.89 23.62
CA SER A 189 1.56 -18.84 24.34
C SER A 189 1.27 -17.87 25.48
N ARG A 190 1.88 -18.11 26.64
CA ARG A 190 1.68 -17.30 27.83
C ARG A 190 1.40 -15.79 27.66
N TYR A 191 2.30 -15.09 26.97
CA TYR A 191 2.18 -13.64 26.78
C TYR A 191 0.99 -13.20 25.96
N PHE A 192 0.36 -14.13 25.25
CA PHE A 192 -0.76 -13.79 24.40
C PHE A 192 -2.08 -14.44 24.83
N LYS A 193 -2.09 -14.99 26.05
CA LYS A 193 -3.29 -15.65 26.60
C LYS A 193 -4.28 -14.59 27.05
N GLY A 194 -5.55 -14.75 26.64
CA GLY A 194 -6.56 -13.80 27.04
C GLY A 194 -6.99 -14.03 28.49
N PRO A 195 -7.58 -13.02 29.15
CA PRO A 195 -8.01 -13.17 30.54
C PRO A 195 -8.88 -14.40 30.74
N GLU A 196 -9.72 -14.69 29.74
CA GLU A 196 -10.61 -15.85 29.83
C GLU A 196 -9.85 -17.13 30.13
N LEU A 197 -8.70 -17.31 29.50
CA LEU A 197 -7.89 -18.51 29.70
C LEU A 197 -7.18 -18.48 31.05
N LEU A 198 -6.89 -17.28 31.54
CA LEU A 198 -6.19 -17.12 32.80
C LEU A 198 -7.09 -17.29 34.03
N VAL A 199 -8.40 -17.12 33.86
CA VAL A 199 -9.33 -17.28 34.98
C VAL A 199 -10.25 -18.49 34.76
N ASP A 200 -9.90 -19.33 33.79
CA ASP A 200 -10.65 -20.52 33.46
C ASP A 200 -12.07 -20.32 32.94
N LEU A 201 -12.26 -19.32 32.08
CA LEU A 201 -13.58 -19.10 31.48
C LEU A 201 -13.45 -19.93 30.22
N GLN A 202 -13.99 -21.15 30.28
CA GLN A 202 -13.90 -22.10 29.18
C GLN A 202 -14.79 -21.94 27.95
N ASP A 203 -15.94 -21.30 28.07
CA ASP A 203 -16.77 -21.16 26.88
C ASP A 203 -16.44 -19.86 26.14
N TYR A 204 -15.19 -19.75 25.70
CA TYR A 204 -14.71 -18.58 24.98
C TYR A 204 -14.98 -18.72 23.48
N ASP A 205 -14.55 -17.74 22.69
CA ASP A 205 -14.79 -17.79 21.25
C ASP A 205 -13.72 -17.12 20.40
N TYR A 206 -14.11 -16.71 19.20
CA TYR A 206 -13.20 -16.07 18.27
C TYR A 206 -12.54 -14.85 18.90
N SER A 207 -13.25 -14.17 19.80
CA SER A 207 -12.72 -12.97 20.44
C SER A 207 -11.38 -13.21 21.16
N LEU A 208 -11.06 -14.46 21.41
CA LEU A 208 -9.78 -14.79 22.05
C LEU A 208 -8.64 -14.33 21.13
N ASP A 209 -8.78 -14.58 19.83
CA ASP A 209 -7.74 -14.18 18.87
C ASP A 209 -7.55 -12.68 18.81
N MET A 210 -8.60 -11.93 19.10
CA MET A 210 -8.51 -10.47 19.08
C MET A 210 -7.71 -9.94 20.27
N TRP A 211 -7.70 -10.69 21.38
CA TRP A 211 -6.92 -10.26 22.53
C TRP A 211 -5.47 -10.52 22.20
N SER A 212 -5.19 -11.67 21.59
CA SER A 212 -3.82 -11.99 21.23
C SER A 212 -3.30 -10.94 20.25
N LEU A 213 -4.12 -10.59 19.26
CA LEU A 213 -3.75 -9.58 18.26
C LEU A 213 -3.46 -8.27 19.00
N GLY A 214 -4.31 -7.92 19.95
CA GLY A 214 -4.10 -6.70 20.71
C GLY A 214 -2.77 -6.69 21.45
N CYS A 215 -2.35 -7.83 21.97
CA CYS A 215 -1.08 -7.91 22.69
C CYS A 215 0.08 -7.69 21.71
N MET A 216 -0.06 -8.25 20.51
CA MET A 216 0.96 -8.08 19.48
C MET A 216 1.03 -6.61 19.10
N PHE A 217 -0.13 -6.02 18.87
CA PHE A 217 -0.22 -4.62 18.47
C PHE A 217 0.44 -3.70 19.49
N ALA A 218 0.07 -3.85 20.76
CA ALA A 218 0.64 -3.01 21.82
C ALA A 218 2.15 -3.20 21.79
N GLY A 219 2.58 -4.44 21.61
CA GLY A 219 3.99 -4.78 21.56
C GLY A 219 4.72 -4.08 20.42
N MET A 220 4.05 -3.95 19.28
CA MET A 220 4.65 -3.31 18.12
C MET A 220 4.71 -1.78 18.22
N ILE A 221 3.59 -1.14 18.54
CA ILE A 221 3.60 0.32 18.61
C ILE A 221 4.36 0.89 19.80
N PHE A 222 4.45 0.14 20.89
CA PHE A 222 5.16 0.62 22.08
C PHE A 222 6.61 0.12 22.16
N ARG A 223 7.02 -0.70 21.19
CA ARG A 223 8.38 -1.24 21.16
C ARG A 223 8.70 -2.00 22.45
N LYS A 224 7.73 -2.76 22.92
CA LYS A 224 7.89 -3.55 24.13
C LYS A 224 7.45 -4.98 23.79
N GLU A 225 8.35 -5.70 23.12
CA GLU A 225 8.12 -7.06 22.68
C GLU A 225 7.05 -7.78 23.49
N PRO A 226 7.42 -8.61 24.49
CA PRO A 226 6.21 -9.15 25.11
C PRO A 226 5.61 -7.98 25.88
N PHE A 227 4.48 -7.44 25.43
CA PHE A 227 3.88 -6.32 26.15
C PHE A 227 3.49 -6.74 27.55
N PHE A 228 2.92 -7.93 27.68
CA PHE A 228 2.51 -8.47 28.99
C PHE A 228 3.47 -9.63 29.26
N TYR A 229 4.52 -9.35 30.01
CA TYR A 229 5.54 -10.35 30.30
C TYR A 229 5.39 -11.01 31.66
N GLY A 230 4.64 -12.11 31.70
CA GLY A 230 4.44 -12.83 32.95
C GLY A 230 5.46 -13.95 33.04
N HIS A 231 5.65 -14.47 34.24
CA HIS A 231 6.60 -15.56 34.47
C HIS A 231 5.89 -16.90 34.47
N ASP A 232 4.58 -16.87 34.67
CA ASP A 232 3.76 -18.08 34.68
C ASP A 232 2.32 -17.65 34.43
N ASN A 233 1.40 -18.61 34.36
CA ASN A 233 0.01 -18.27 34.09
C ASN A 233 -0.64 -17.35 35.11
N HIS A 234 -0.29 -17.51 36.38
CA HIS A 234 -0.86 -16.65 37.41
C HIS A 234 -0.30 -15.24 37.34
N ASP A 235 1.00 -15.14 37.13
CA ASP A 235 1.67 -13.86 37.05
C ASP A 235 1.31 -13.11 35.77
N GLN A 236 0.78 -13.83 34.79
CA GLN A 236 0.39 -13.22 33.52
C GLN A 236 -0.83 -12.36 33.79
N LEU A 237 -1.75 -12.86 34.61
CA LEU A 237 -2.96 -12.12 34.94
C LEU A 237 -2.63 -10.90 35.79
N VAL A 238 -1.65 -11.04 36.67
CA VAL A 238 -1.24 -9.94 37.52
C VAL A 238 -0.71 -8.80 36.67
N LYS A 239 0.13 -9.13 35.69
CA LYS A 239 0.70 -8.13 34.80
C LYS A 239 -0.38 -7.41 34.01
N ILE A 240 -1.40 -8.16 33.60
CA ILE A 240 -2.50 -7.57 32.85
C ILE A 240 -3.26 -6.60 33.75
N ALA A 241 -3.54 -7.04 34.97
CA ALA A 241 -4.27 -6.22 35.92
C ALA A 241 -3.57 -4.89 36.23
N LYS A 242 -2.24 -4.90 36.24
CA LYS A 242 -1.47 -3.69 36.55
C LYS A 242 -1.59 -2.60 35.48
N VAL A 243 -2.10 -2.96 34.31
CA VAL A 243 -2.27 -1.98 33.23
C VAL A 243 -3.74 -1.62 33.09
N LEU A 244 -4.59 -2.63 32.89
CA LEU A 244 -6.03 -2.42 32.72
C LEU A 244 -6.77 -2.05 33.99
N GLY A 245 -6.15 -2.29 35.13
CA GLY A 245 -6.80 -1.98 36.39
C GLY A 245 -7.57 -3.18 36.92
N THR A 246 -7.72 -3.24 38.23
CA THR A 246 -8.43 -4.33 38.85
C THR A 246 -9.94 -4.12 38.91
N ASP A 247 -10.41 -2.87 38.85
CA ASP A 247 -11.85 -2.63 38.88
C ASP A 247 -12.54 -3.35 37.72
N GLY A 248 -11.93 -3.24 36.54
CA GLY A 248 -12.49 -3.90 35.36
C GLY A 248 -12.40 -5.42 35.46
N LEU A 249 -11.41 -5.92 36.17
CA LEU A 249 -11.25 -7.36 36.33
C LEU A 249 -12.39 -7.89 37.21
N ASN A 250 -12.71 -7.16 38.27
CA ASN A 250 -13.77 -7.55 39.18
C ASN A 250 -15.14 -7.54 38.49
N VAL A 251 -15.35 -6.57 37.60
CA VAL A 251 -16.63 -6.50 36.87
C VAL A 251 -16.79 -7.73 35.98
N TYR A 252 -15.72 -8.07 35.27
CA TYR A 252 -15.68 -9.23 34.38
C TYR A 252 -15.94 -10.55 35.12
N LEU A 253 -15.33 -10.71 36.29
CA LEU A 253 -15.52 -11.92 37.08
C LEU A 253 -16.96 -12.03 37.57
N ASN A 254 -17.51 -10.91 38.05
CA ASN A 254 -18.88 -10.86 38.53
C ASN A 254 -19.87 -11.21 37.43
N LYS A 255 -19.66 -10.64 36.24
CA LYS A 255 -20.56 -10.88 35.11
C LYS A 255 -20.64 -12.33 34.66
N TYR A 256 -19.49 -13.00 34.60
CA TYR A 256 -19.48 -14.39 34.16
C TYR A 256 -19.48 -15.37 35.33
N ARG A 257 -19.73 -14.85 36.52
CA ARG A 257 -19.80 -15.64 37.74
C ARG A 257 -18.58 -16.52 37.97
N ILE A 258 -17.42 -15.89 38.14
CA ILE A 258 -16.19 -16.60 38.39
C ILE A 258 -15.56 -16.04 39.66
N GLU A 259 -14.94 -16.93 40.45
CA GLU A 259 -14.27 -16.53 41.69
C GLU A 259 -12.87 -17.10 41.69
N LEU A 260 -11.88 -16.21 41.73
CA LEU A 260 -10.48 -16.60 41.71
C LEU A 260 -10.04 -17.38 42.95
N ASP A 261 -8.95 -18.13 42.79
CA ASP A 261 -8.37 -18.88 43.89
C ASP A 261 -7.85 -17.81 44.85
N PRO A 262 -8.24 -17.86 46.13
CA PRO A 262 -7.80 -16.88 47.13
C PRO A 262 -6.32 -16.49 47.07
N GLN A 263 -5.45 -17.41 46.68
CA GLN A 263 -4.02 -17.10 46.61
C GLN A 263 -3.72 -16.26 45.36
N LEU A 264 -4.52 -16.46 44.31
CA LEU A 264 -4.35 -15.72 43.08
C LEU A 264 -4.95 -14.33 43.25
N GLU A 265 -6.08 -14.26 43.95
CA GLU A 265 -6.74 -12.98 44.18
C GLU A 265 -5.81 -12.03 44.93
N ALA A 266 -5.14 -12.55 45.95
CA ALA A 266 -4.23 -11.74 46.76
C ALA A 266 -3.03 -11.35 45.91
N LEU A 267 -2.60 -12.28 45.06
CA LEU A 267 -1.46 -12.06 44.18
C LEU A 267 -1.74 -10.92 43.20
N VAL A 268 -2.98 -10.85 42.71
CA VAL A 268 -3.38 -9.81 41.77
C VAL A 268 -3.48 -8.49 42.53
N GLY A 269 -4.11 -8.54 43.70
CA GLY A 269 -4.25 -7.36 44.53
C GLY A 269 -5.21 -6.32 43.97
N ARG A 270 -4.86 -5.06 44.17
CA ARG A 270 -5.68 -3.95 43.70
C ARG A 270 -4.78 -2.97 42.96
N HIS A 271 -5.20 -2.58 41.76
CA HIS A 271 -4.43 -1.65 40.93
C HIS A 271 -5.31 -0.70 40.16
N SER A 272 -4.81 0.50 39.92
CA SER A 272 -5.54 1.49 39.15
C SER A 272 -5.19 1.28 37.68
N ARG A 273 -6.10 1.71 36.81
CA ARG A 273 -5.88 1.60 35.39
C ARG A 273 -4.79 2.59 34.99
N LYS A 274 -3.77 2.08 34.31
CA LYS A 274 -2.67 2.93 33.87
C LYS A 274 -2.97 3.31 32.43
N PRO A 275 -3.25 4.60 32.17
CA PRO A 275 -3.55 5.10 30.82
C PRO A 275 -2.52 4.69 29.78
N TRP A 276 -2.99 4.36 28.58
CA TRP A 276 -2.10 3.93 27.49
C TRP A 276 -0.96 4.87 27.15
N LEU A 277 -1.15 6.17 27.40
CA LEU A 277 -0.12 7.15 27.07
C LEU A 277 1.17 6.98 27.89
N LYS A 278 1.09 6.30 29.02
CA LYS A 278 2.27 6.10 29.87
C LYS A 278 3.35 5.19 29.30
N PHE A 279 3.03 4.45 28.23
CA PHE A 279 4.00 3.55 27.61
C PHE A 279 4.66 4.25 26.43
N MET A 280 4.22 5.46 26.15
CA MET A 280 4.78 6.22 25.05
C MET A 280 6.11 6.85 25.48
N ASN A 281 7.07 6.87 24.57
CA ASN A 281 8.38 7.47 24.83
C ASN A 281 8.99 7.88 23.49
N ALA A 282 10.14 8.56 23.53
CA ALA A 282 10.80 9.01 22.31
C ALA A 282 11.21 7.86 21.39
N ASP A 283 11.37 6.67 21.96
CA ASP A 283 11.76 5.50 21.19
C ASP A 283 10.64 4.95 20.29
N ASN A 284 9.40 5.02 20.76
CA ASN A 284 8.26 4.52 19.98
C ASN A 284 7.31 5.61 19.53
N GLN A 285 7.62 6.85 19.90
CA GLN A 285 6.81 8.01 19.56
C GLN A 285 6.26 8.03 18.14
N HIS A 286 7.13 7.80 17.17
CA HIS A 286 6.71 7.82 15.77
C HIS A 286 5.67 6.76 15.40
N LEU A 287 5.43 5.81 16.30
CA LEU A 287 4.46 4.75 16.04
C LEU A 287 3.13 4.98 16.76
N VAL A 288 3.14 5.87 17.75
CA VAL A 288 1.94 6.15 18.52
C VAL A 288 1.16 7.34 17.99
N SER A 289 -0.17 7.24 18.06
CA SER A 289 -1.06 8.29 17.61
C SER A 289 -2.35 8.14 18.39
N PRO A 290 -3.25 9.14 18.32
CA PRO A 290 -4.51 9.02 19.05
C PRO A 290 -5.30 7.82 18.57
N GLU A 291 -5.36 7.61 17.26
CA GLU A 291 -6.12 6.46 16.74
C GLU A 291 -5.50 5.12 17.11
N ALA A 292 -4.18 5.05 17.20
CA ALA A 292 -3.53 3.79 17.55
C ALA A 292 -3.89 3.43 19.00
N ILE A 293 -3.95 4.43 19.88
CA ILE A 293 -4.30 4.18 21.28
C ILE A 293 -5.78 3.76 21.40
N ASP A 294 -6.65 4.40 20.60
CA ASP A 294 -8.07 4.11 20.61
C ASP A 294 -8.34 2.67 20.14
N PHE A 295 -7.68 2.29 19.05
CA PHE A 295 -7.83 0.95 18.50
C PHE A 295 -7.38 -0.09 19.54
N LEU A 296 -6.17 0.09 20.08
CA LEU A 296 -5.64 -0.82 21.08
C LEU A 296 -6.59 -0.93 22.28
N ASP A 297 -7.15 0.20 22.69
CA ASP A 297 -8.07 0.24 23.81
C ASP A 297 -9.31 -0.61 23.58
N LYS A 298 -9.73 -0.72 22.32
CA LYS A 298 -10.92 -1.48 21.96
C LYS A 298 -10.65 -2.97 21.75
N LEU A 299 -9.38 -3.35 21.82
CA LEU A 299 -9.02 -4.74 21.67
C LEU A 299 -8.72 -5.38 23.01
N LEU A 300 -7.95 -4.68 23.84
CA LEU A 300 -7.57 -5.20 25.14
C LEU A 300 -8.60 -4.91 26.21
N ARG A 301 -9.71 -5.62 26.13
CA ARG A 301 -10.79 -5.49 27.10
C ARG A 301 -10.90 -6.83 27.83
N TYR A 302 -11.10 -6.78 29.14
CA TYR A 302 -11.25 -8.01 29.91
C TYR A 302 -12.39 -8.84 29.29
N ASP A 303 -13.56 -8.22 29.18
CA ASP A 303 -14.75 -8.88 28.67
C ASP A 303 -14.62 -9.20 27.18
N HIS A 304 -14.44 -10.48 26.86
CA HIS A 304 -14.29 -10.87 25.46
C HIS A 304 -15.44 -10.35 24.56
N GLN A 305 -16.64 -10.29 25.12
CA GLN A 305 -17.79 -9.81 24.35
C GLN A 305 -17.70 -8.32 23.98
N GLU A 306 -16.86 -7.57 24.68
CA GLU A 306 -16.71 -6.13 24.44
C GLU A 306 -15.67 -5.77 23.37
N ARG A 307 -14.76 -6.70 23.11
CA ARG A 307 -13.70 -6.48 22.13
C ARG A 307 -14.23 -6.33 20.71
N LEU A 308 -13.49 -5.58 19.88
CA LEU A 308 -13.86 -5.41 18.49
C LEU A 308 -13.67 -6.77 17.79
N THR A 309 -14.51 -7.07 16.80
CA THR A 309 -14.43 -8.32 16.03
C THR A 309 -13.39 -7.93 15.00
N ALA A 310 -12.89 -8.90 14.26
CA ALA A 310 -11.90 -8.59 13.24
C ALA A 310 -12.52 -7.70 12.17
N LEU A 311 -13.75 -8.00 11.76
CA LEU A 311 -14.40 -7.21 10.74
C LEU A 311 -14.53 -5.74 11.16
N GLU A 312 -15.06 -5.51 12.36
CA GLU A 312 -15.22 -4.15 12.87
C GLU A 312 -13.88 -3.45 13.01
N ALA A 313 -12.85 -4.23 13.35
CA ALA A 313 -11.52 -3.67 13.50
C ALA A 313 -11.07 -3.01 12.20
N MET A 314 -11.36 -3.66 11.08
CA MET A 314 -10.96 -3.16 9.76
C MET A 314 -11.47 -1.76 9.42
N THR A 315 -12.61 -1.37 9.99
CA THR A 315 -13.16 -0.04 9.70
C THR A 315 -12.71 1.07 10.63
N HIS A 316 -11.88 0.75 11.63
CA HIS A 316 -11.38 1.76 12.56
C HIS A 316 -10.56 2.78 11.75
N PRO A 317 -10.62 4.07 12.13
CA PRO A 317 -9.89 5.14 11.43
C PRO A 317 -8.39 4.89 11.28
N TYR A 318 -7.85 4.10 12.20
CA TYR A 318 -6.43 3.77 12.20
C TYR A 318 -5.99 3.15 10.87
N PHE A 319 -6.91 2.45 10.21
CA PHE A 319 -6.63 1.79 8.94
C PHE A 319 -7.14 2.56 7.71
N GLN A 320 -7.83 3.67 7.91
CA GLN A 320 -8.39 4.41 6.78
C GLN A 320 -7.44 4.56 5.57
N GLN A 321 -6.17 4.79 5.83
CA GLN A 321 -5.22 4.93 4.73
C GLN A 321 -4.96 3.60 4.02
N VAL A 322 -4.80 2.53 4.79
CA VAL A 322 -4.57 1.21 4.22
C VAL A 322 -5.77 0.86 3.35
N ARG A 323 -6.96 1.15 3.88
CA ARG A 323 -8.22 0.86 3.20
C ARG A 323 -8.37 1.59 1.87
N ALA A 324 -8.09 2.90 1.87
CA ALA A 324 -8.20 3.71 0.66
C ALA A 324 -7.31 3.20 -0.47
N ALA A 325 -6.03 2.98 -0.16
CA ALA A 325 -5.08 2.50 -1.16
C ALA A 325 -5.59 1.26 -1.88
N GLU A 326 -6.38 0.48 -1.14
CA GLU A 326 -6.93 -0.77 -1.63
C GLU A 326 -8.06 -0.57 -2.66
N ASN A 327 -8.38 0.68 -2.96
CA ASN A 327 -9.42 0.99 -3.93
C ASN A 327 -8.83 1.26 -5.32
N SER A 328 -8.91 0.27 -6.19
CA SER A 328 -8.38 0.37 -7.55
C SER A 328 -6.85 0.42 -7.52
N SER B 2 13.30 11.75 -35.74
CA SER B 2 12.99 11.10 -34.43
C SER B 2 11.51 10.75 -34.34
N LYS B 3 11.23 9.52 -33.91
CA LYS B 3 9.86 9.05 -33.77
C LYS B 3 9.66 8.36 -32.43
N ALA B 4 8.44 8.47 -31.91
CA ALA B 4 8.10 7.85 -30.63
C ALA B 4 8.30 6.34 -30.68
N ARG B 5 8.89 5.77 -29.62
CA ARG B 5 9.13 4.34 -29.53
C ARG B 5 7.80 3.62 -29.36
N VAL B 6 6.85 4.28 -28.69
CA VAL B 6 5.54 3.71 -28.47
C VAL B 6 4.40 4.62 -28.91
N TYR B 7 3.25 4.01 -29.14
CA TYR B 7 2.04 4.72 -29.52
C TYR B 7 2.25 5.78 -30.61
N ALA B 8 3.11 5.46 -31.56
CA ALA B 8 3.43 6.38 -32.65
C ALA B 8 2.27 6.62 -33.61
N ASP B 9 1.54 5.56 -33.97
CA ASP B 9 0.45 5.68 -34.92
C ASP B 9 -0.96 5.80 -34.33
N VAL B 10 -1.07 5.96 -33.01
CA VAL B 10 -2.38 6.06 -32.39
C VAL B 10 -3.33 7.02 -33.10
N ASN B 11 -2.94 8.28 -33.19
CA ASN B 11 -3.80 9.26 -33.84
C ASN B 11 -4.07 8.96 -35.32
N VAL B 12 -3.15 8.28 -35.98
CA VAL B 12 -3.33 7.94 -37.38
C VAL B 12 -4.43 6.89 -37.59
N LEU B 13 -4.49 5.90 -36.71
CA LEU B 13 -5.48 4.83 -36.80
C LEU B 13 -6.88 5.21 -36.32
N ARG B 14 -7.00 6.31 -35.59
CA ARG B 14 -8.31 6.71 -35.09
C ARG B 14 -9.00 7.69 -36.04
N PRO B 15 -10.34 7.81 -35.94
CA PRO B 15 -11.12 8.72 -36.79
C PRO B 15 -10.60 10.15 -36.72
N LYS B 16 -10.86 10.92 -37.78
CA LYS B 16 -10.42 12.30 -37.86
C LYS B 16 -10.91 13.17 -36.70
N GLU B 17 -12.21 13.09 -36.38
CA GLU B 17 -12.77 13.88 -35.30
C GLU B 17 -12.16 13.60 -33.92
N TYR B 18 -11.47 12.47 -33.78
CA TYR B 18 -10.87 12.14 -32.49
C TYR B 18 -9.84 13.17 -32.05
N TRP B 19 -8.89 13.48 -32.92
CA TRP B 19 -7.84 14.45 -32.61
C TRP B 19 -8.12 15.84 -33.20
N ASP B 20 -9.19 15.96 -33.97
CA ASP B 20 -9.55 17.22 -34.58
C ASP B 20 -10.27 18.11 -33.57
N TYR B 21 -9.53 18.66 -32.62
CA TYR B 21 -10.12 19.51 -31.60
C TYR B 21 -10.65 20.79 -32.23
N GLU B 22 -9.98 21.24 -33.28
CA GLU B 22 -10.39 22.43 -33.99
C GLU B 22 -11.79 22.19 -34.56
N ALA B 23 -12.00 21.00 -35.12
CA ALA B 23 -13.29 20.63 -35.71
C ALA B 23 -14.26 20.15 -34.63
N LEU B 24 -14.26 20.81 -33.49
CA LEU B 24 -15.15 20.44 -32.40
C LEU B 24 -16.01 21.61 -31.97
N THR B 25 -17.26 21.32 -31.61
CA THR B 25 -18.17 22.36 -31.15
C THR B 25 -18.49 22.06 -29.70
N VAL B 26 -18.01 22.93 -28.81
CA VAL B 26 -18.21 22.78 -27.37
C VAL B 26 -19.65 22.48 -26.98
N GLN B 27 -19.86 21.31 -26.36
CA GLN B 27 -21.17 20.86 -25.92
C GLN B 27 -21.39 21.40 -24.50
N TRP B 28 -21.88 22.63 -24.40
CA TRP B 28 -22.10 23.29 -23.12
C TRP B 28 -23.14 22.67 -22.19
N GLY B 29 -23.31 23.34 -21.05
CA GLY B 29 -24.26 22.93 -20.04
C GLY B 29 -24.82 24.20 -19.45
N GLU B 30 -25.36 24.14 -18.23
CA GLU B 30 -25.92 25.34 -17.63
C GLU B 30 -25.07 25.86 -16.47
N GLN B 31 -24.58 27.09 -16.62
CA GLN B 31 -23.75 27.72 -15.59
C GLN B 31 -24.47 27.89 -14.25
N ASP B 32 -25.79 27.99 -14.29
CA ASP B 32 -26.58 28.16 -13.07
C ASP B 32 -26.50 26.94 -12.15
N ASP B 33 -26.02 25.82 -12.66
CA ASP B 33 -25.90 24.61 -11.86
C ASP B 33 -24.70 24.61 -10.93
N TYR B 34 -23.73 25.48 -11.20
CA TYR B 34 -22.53 25.52 -10.38
C TYR B 34 -22.24 26.92 -9.83
N GLU B 35 -21.95 27.01 -8.53
CA GLU B 35 -21.66 28.30 -7.92
C GLU B 35 -20.29 28.41 -7.26
N VAL B 36 -19.56 29.46 -7.64
CA VAL B 36 -18.24 29.71 -7.10
C VAL B 36 -18.39 29.98 -5.61
N VAL B 37 -17.50 29.40 -4.81
CA VAL B 37 -17.57 29.57 -3.38
C VAL B 37 -16.34 30.30 -2.87
N ARG B 38 -15.18 29.88 -3.34
CA ARG B 38 -13.94 30.49 -2.92
C ARG B 38 -12.76 30.07 -3.79
N LYS B 39 -11.80 30.99 -3.92
CA LYS B 39 -10.60 30.78 -4.71
C LYS B 39 -9.64 29.83 -4.01
N VAL B 40 -9.05 28.93 -4.78
CA VAL B 40 -8.10 27.96 -4.24
C VAL B 40 -6.85 27.87 -5.10
N GLY B 41 -6.73 28.75 -6.09
CA GLY B 41 -5.56 28.71 -6.94
C GLY B 41 -5.73 29.47 -8.24
N ARG B 42 -4.69 29.46 -9.07
CA ARG B 42 -4.72 30.17 -10.33
C ARG B 42 -3.76 29.53 -11.32
N GLY B 43 -3.94 29.87 -12.59
CA GLY B 43 -3.07 29.34 -13.63
C GLY B 43 -2.56 30.48 -14.47
N LYS B 44 -1.80 30.18 -15.51
CA LYS B 44 -1.26 31.23 -16.37
C LYS B 44 -2.38 31.87 -17.19
N TYR B 45 -3.45 31.13 -17.39
CA TYR B 45 -4.58 31.63 -18.16
C TYR B 45 -5.92 31.36 -17.49
N SER B 46 -5.95 31.41 -16.17
CA SER B 46 -7.19 31.16 -15.45
C SER B 46 -7.08 31.30 -13.93
N GLU B 47 -8.24 31.31 -13.28
CA GLU B 47 -8.37 31.36 -11.82
C GLU B 47 -9.12 30.07 -11.49
N VAL B 48 -8.83 29.48 -10.35
CA VAL B 48 -9.50 28.24 -9.98
C VAL B 48 -10.22 28.39 -8.65
N PHE B 49 -11.47 27.92 -8.62
CA PHE B 49 -12.28 28.03 -7.42
C PHE B 49 -12.89 26.71 -6.97
N GLU B 50 -13.20 26.65 -5.67
CA GLU B 50 -13.88 25.49 -5.15
C GLU B 50 -15.32 25.96 -5.32
N GLY B 51 -16.21 25.02 -5.66
CA GLY B 51 -17.60 25.39 -5.85
C GLY B 51 -18.53 24.25 -5.46
N ILE B 52 -19.84 24.46 -5.66
CA ILE B 52 -20.80 23.42 -5.33
C ILE B 52 -21.82 23.31 -6.46
N ASN B 53 -22.50 22.17 -6.49
CA ASN B 53 -23.53 21.92 -7.48
C ASN B 53 -24.84 22.17 -6.74
N VAL B 54 -25.55 23.21 -7.12
CA VAL B 54 -26.81 23.57 -6.48
C VAL B 54 -27.86 22.46 -6.54
N ASN B 55 -27.75 21.60 -7.55
CA ASN B 55 -28.68 20.50 -7.71
C ASN B 55 -28.51 19.41 -6.65
N ASN B 56 -27.30 18.88 -6.53
CA ASN B 56 -27.05 17.82 -5.54
C ASN B 56 -26.17 18.26 -4.37
N ASN B 57 -25.89 19.56 -4.29
CA ASN B 57 -25.09 20.10 -3.20
C ASN B 57 -23.72 19.42 -3.02
N GLU B 58 -23.14 18.97 -4.12
CA GLU B 58 -21.83 18.31 -4.10
C GLU B 58 -20.74 19.30 -4.54
N LYS B 59 -19.53 19.12 -3.99
CA LYS B 59 -18.42 19.99 -4.33
C LYS B 59 -17.91 19.72 -5.73
N CYS B 60 -17.15 20.68 -6.25
CA CYS B 60 -16.55 20.57 -7.56
C CYS B 60 -15.49 21.65 -7.65
N ILE B 61 -14.68 21.58 -8.70
CA ILE B 61 -13.65 22.59 -8.92
C ILE B 61 -14.09 23.37 -10.16
N ILE B 62 -14.09 24.69 -10.06
CA ILE B 62 -14.49 25.56 -11.15
C ILE B 62 -13.32 26.34 -11.71
N LYS B 63 -12.96 26.06 -12.97
CA LYS B 63 -11.85 26.75 -13.61
C LYS B 63 -12.37 27.78 -14.59
N ILE B 64 -12.21 29.05 -14.24
CA ILE B 64 -12.67 30.16 -15.06
C ILE B 64 -11.52 30.59 -15.98
N LEU B 65 -11.72 30.39 -17.28
CA LEU B 65 -10.71 30.72 -18.27
C LEU B 65 -10.67 32.17 -18.73
N LYS B 66 -9.47 32.65 -19.00
CA LYS B 66 -9.30 33.98 -19.50
C LYS B 66 -9.52 33.78 -20.99
N PRO B 67 -9.63 34.88 -21.73
CA PRO B 67 -9.84 34.73 -23.17
C PRO B 67 -8.85 33.79 -23.86
N VAL B 68 -7.69 33.56 -23.27
CA VAL B 68 -6.71 32.70 -23.92
C VAL B 68 -7.23 31.74 -24.92
N LYS B 69 -7.39 32.40 -26.06
CA LYS B 69 -7.86 31.92 -27.34
C LYS B 69 -9.07 31.03 -27.48
N LYS B 70 -9.28 30.66 -28.74
CA LYS B 70 -10.38 29.82 -29.11
C LYS B 70 -9.88 28.40 -29.17
N LYS B 71 -9.00 28.10 -30.12
CA LYS B 71 -8.58 26.73 -30.20
C LYS B 71 -7.75 26.21 -29.03
N LYS B 72 -7.19 27.06 -28.17
CA LYS B 72 -6.48 26.45 -27.06
C LYS B 72 -7.54 25.88 -26.14
N ILE B 73 -8.67 26.57 -26.02
CA ILE B 73 -9.78 26.11 -25.18
C ILE B 73 -10.40 24.83 -25.72
N LYS B 74 -10.57 24.79 -27.04
CA LYS B 74 -11.14 23.63 -27.70
C LYS B 74 -10.21 22.43 -27.61
N ARG B 75 -8.91 22.71 -27.53
CA ARG B 75 -7.92 21.65 -27.45
C ARG B 75 -7.96 20.97 -26.07
N GLU B 76 -7.90 21.77 -25.02
CA GLU B 76 -7.93 21.23 -23.66
C GLU B 76 -9.22 20.46 -23.40
N ILE B 77 -10.35 21.01 -23.83
CA ILE B 77 -11.64 20.37 -23.63
C ILE B 77 -11.70 19.02 -24.36
N LYS B 78 -11.25 19.01 -25.61
CA LYS B 78 -11.23 17.80 -26.42
C LYS B 78 -10.37 16.72 -25.79
N ILE B 79 -9.17 17.11 -25.35
CA ILE B 79 -8.28 16.17 -24.70
C ILE B 79 -8.91 15.65 -23.42
N LEU B 80 -9.51 16.55 -22.65
CA LEU B 80 -10.15 16.13 -21.39
C LEU B 80 -11.29 15.12 -21.66
N GLN B 81 -12.02 15.32 -22.75
CA GLN B 81 -13.13 14.42 -23.09
C GLN B 81 -12.61 13.07 -23.59
N ASN B 82 -11.47 13.10 -24.28
CA ASN B 82 -10.84 11.88 -24.77
C ASN B 82 -10.30 11.01 -23.64
N LEU B 83 -9.85 11.62 -22.54
CA LEU B 83 -9.29 10.88 -21.41
C LEU B 83 -10.27 10.67 -20.26
N CYS B 84 -11.45 11.27 -20.34
CA CYS B 84 -12.43 11.13 -19.25
C CYS B 84 -12.57 9.66 -18.81
N GLY B 85 -12.50 9.44 -17.50
CA GLY B 85 -12.64 8.09 -16.98
C GLY B 85 -11.35 7.32 -16.85
N GLY B 86 -10.29 7.79 -17.50
CA GLY B 86 -9.00 7.13 -17.42
C GLY B 86 -8.44 7.08 -16.01
N PRO B 87 -7.54 6.13 -15.72
CA PRO B 87 -6.96 6.04 -14.37
C PRO B 87 -6.25 7.32 -13.92
N ASN B 88 -6.69 7.87 -12.80
CA ASN B 88 -6.08 9.05 -12.22
C ASN B 88 -6.02 10.30 -13.11
N ILE B 89 -6.96 10.42 -14.05
CA ILE B 89 -7.03 11.60 -14.91
C ILE B 89 -8.12 12.47 -14.31
N VAL B 90 -7.85 13.75 -14.10
CA VAL B 90 -8.87 14.62 -13.51
C VAL B 90 -10.13 14.53 -14.38
N LYS B 91 -11.27 14.41 -13.73
CA LYS B 91 -12.54 14.27 -14.41
C LYS B 91 -13.28 15.56 -14.78
N LEU B 92 -13.52 15.76 -16.07
CA LEU B 92 -14.25 16.94 -16.53
C LEU B 92 -15.74 16.61 -16.39
N LEU B 93 -16.43 17.31 -15.49
CA LEU B 93 -17.86 17.08 -15.26
C LEU B 93 -18.77 17.87 -16.18
N ASP B 94 -18.40 19.10 -16.46
CA ASP B 94 -19.24 19.96 -17.29
C ASP B 94 -18.46 21.11 -17.90
N ILE B 95 -19.06 21.74 -18.91
CA ILE B 95 -18.48 22.90 -19.58
C ILE B 95 -19.58 23.96 -19.63
N VAL B 96 -19.41 25.02 -18.87
CA VAL B 96 -20.43 26.07 -18.85
C VAL B 96 -19.89 27.44 -19.24
N ARG B 97 -20.78 28.42 -19.31
CA ARG B 97 -20.37 29.77 -19.67
C ARG B 97 -21.49 30.79 -19.55
N ASP B 98 -21.18 31.92 -18.91
CA ASP B 98 -22.13 33.01 -18.74
C ASP B 98 -22.40 33.47 -20.16
N GLN B 99 -23.56 34.07 -20.44
CA GLN B 99 -23.85 34.50 -21.81
C GLN B 99 -22.82 35.55 -22.21
N HIS B 100 -21.57 35.15 -22.41
CA HIS B 100 -20.59 36.14 -22.78
C HIS B 100 -19.13 35.64 -22.79
N SER B 101 -18.87 34.54 -22.09
CA SER B 101 -17.54 33.98 -22.11
C SER B 101 -17.61 32.78 -23.03
N LYS B 102 -17.05 32.94 -24.22
CA LYS B 102 -17.05 31.87 -25.20
C LYS B 102 -16.27 30.73 -24.61
N THR B 103 -15.51 30.96 -23.56
CA THR B 103 -14.77 29.82 -23.15
C THR B 103 -14.64 29.58 -21.65
N PRO B 104 -14.43 30.65 -20.87
CA PRO B 104 -14.26 30.75 -19.42
C PRO B 104 -14.99 29.97 -18.27
N SER B 105 -14.97 28.64 -18.24
CA SER B 105 -15.55 27.87 -17.10
C SER B 105 -15.61 26.35 -17.27
N LEU B 106 -14.58 25.65 -16.77
CA LEU B 106 -14.52 24.20 -16.84
C LEU B 106 -14.87 23.64 -15.45
N ILE B 107 -15.70 22.60 -15.40
CA ILE B 107 -16.12 22.01 -14.13
C ILE B 107 -15.52 20.62 -13.94
N PHE B 108 -14.65 20.49 -12.94
CA PHE B 108 -13.99 19.23 -12.63
C PHE B 108 -14.45 18.62 -11.30
N GLU B 109 -14.28 17.31 -11.15
CA GLU B 109 -14.61 16.61 -9.92
C GLU B 109 -13.87 17.39 -8.84
N TYR B 110 -14.36 17.35 -7.60
CA TYR B 110 -13.67 18.07 -6.54
C TYR B 110 -12.38 17.37 -6.14
N VAL B 111 -11.33 18.17 -5.92
CA VAL B 111 -10.02 17.66 -5.51
C VAL B 111 -9.45 18.57 -4.43
N ASN B 112 -8.97 17.99 -3.33
CA ASN B 112 -8.39 18.79 -2.26
C ASN B 112 -7.04 19.39 -2.65
N ASN B 113 -7.00 20.70 -2.81
CA ASN B 113 -5.77 21.39 -3.17
C ASN B 113 -4.77 21.32 -2.03
N THR B 114 -3.85 20.35 -2.12
CA THR B 114 -2.84 20.17 -1.10
C THR B 114 -1.48 20.66 -1.59
N ASP B 115 -0.93 21.66 -0.90
CA ASP B 115 0.36 22.23 -1.24
C ASP B 115 1.43 21.14 -1.24
N PHE B 116 1.96 20.80 -2.42
CA PHE B 116 2.99 19.75 -2.51
C PHE B 116 4.21 20.07 -1.64
N LYS B 117 4.56 21.35 -1.51
CA LYS B 117 5.70 21.73 -0.69
C LYS B 117 5.48 21.23 0.75
N VAL B 118 4.21 21.12 1.13
CA VAL B 118 3.83 20.67 2.48
C VAL B 118 3.77 19.15 2.59
N LEU B 119 3.23 18.49 1.58
CA LEU B 119 3.11 17.04 1.58
C LEU B 119 4.40 16.27 1.33
N TYR B 120 5.08 16.59 0.24
CA TYR B 120 6.32 15.91 -0.13
C TYR B 120 7.33 15.62 0.97
N PRO B 121 7.57 16.58 1.88
CA PRO B 121 8.53 16.31 2.95
C PRO B 121 8.07 15.22 3.92
N THR B 122 6.79 14.88 3.87
CA THR B 122 6.23 13.87 4.78
C THR B 122 6.13 12.49 4.13
N LEU B 123 6.41 12.42 2.83
CA LEU B 123 6.33 11.16 2.10
C LEU B 123 7.36 10.13 2.56
N THR B 124 6.95 8.86 2.56
CA THR B 124 7.81 7.77 2.98
C THR B 124 8.28 6.99 1.75
N ASP B 125 9.18 6.03 1.97
CA ASP B 125 9.68 5.21 0.88
C ASP B 125 8.49 4.54 0.20
N TYR B 126 7.58 3.99 1.00
CA TYR B 126 6.42 3.34 0.40
C TYR B 126 5.52 4.32 -0.36
N ASP B 127 5.27 5.50 0.23
CA ASP B 127 4.41 6.50 -0.42
C ASP B 127 4.90 6.84 -1.81
N ILE B 128 6.16 7.24 -1.91
CA ILE B 128 6.75 7.60 -3.18
C ILE B 128 6.54 6.51 -4.23
N ARG B 129 6.78 5.26 -3.84
CA ARG B 129 6.60 4.15 -4.78
C ARG B 129 5.16 4.05 -5.23
N TYR B 130 4.23 4.20 -4.28
CA TYR B 130 2.79 4.13 -4.53
C TYR B 130 2.29 5.25 -5.44
N TYR B 131 2.63 6.49 -5.09
CA TYR B 131 2.18 7.63 -5.88
C TYR B 131 2.80 7.71 -7.28
N ILE B 132 4.07 7.39 -7.40
CA ILE B 132 4.71 7.43 -8.71
C ILE B 132 4.05 6.36 -9.59
N TYR B 133 3.78 5.20 -9.00
CA TYR B 133 3.15 4.11 -9.73
C TYR B 133 1.79 4.60 -10.21
N GLU B 134 1.07 5.31 -9.35
CA GLU B 134 -0.25 5.86 -9.72
C GLU B 134 -0.14 6.87 -10.86
N LEU B 135 0.90 7.70 -10.83
CA LEU B 135 1.08 8.70 -11.88
C LEU B 135 1.44 7.99 -13.19
N LEU B 136 2.18 6.90 -13.08
CA LEU B 136 2.57 6.12 -14.25
C LEU B 136 1.34 5.59 -14.99
N LYS B 137 0.28 5.31 -14.25
CA LYS B 137 -0.97 4.83 -14.84
C LYS B 137 -1.59 5.93 -15.69
N ALA B 138 -1.57 7.16 -15.19
CA ALA B 138 -2.15 8.29 -15.90
C ALA B 138 -1.41 8.60 -17.20
N LEU B 139 -0.08 8.59 -17.13
CA LEU B 139 0.75 8.88 -18.30
C LEU B 139 0.70 7.78 -19.35
N ASP B 140 0.71 6.51 -18.95
CA ASP B 140 0.65 5.47 -19.96
C ASP B 140 -0.71 5.56 -20.64
N TYR B 141 -1.74 5.87 -19.87
CA TYR B 141 -3.06 6.01 -20.45
C TYR B 141 -3.11 7.16 -21.45
N CYS B 142 -2.78 8.38 -21.02
CA CYS B 142 -2.84 9.50 -21.95
C CYS B 142 -1.94 9.26 -23.16
N HIS B 143 -0.76 8.69 -22.93
CA HIS B 143 0.15 8.38 -24.05
C HIS B 143 -0.51 7.31 -24.95
N SER B 144 -1.10 6.26 -24.34
CA SER B 144 -1.73 5.21 -25.14
C SER B 144 -2.85 5.79 -25.99
N GLN B 145 -3.40 6.91 -25.54
CA GLN B 145 -4.46 7.58 -26.28
C GLN B 145 -3.86 8.64 -27.21
N GLY B 146 -2.55 8.56 -27.41
CA GLY B 146 -1.88 9.49 -28.30
C GLY B 146 -1.80 10.93 -27.84
N ILE B 147 -1.73 11.14 -26.53
CA ILE B 147 -1.66 12.48 -25.95
C ILE B 147 -0.46 12.70 -25.02
N MET B 148 0.24 13.82 -25.20
CA MET B 148 1.39 14.22 -24.38
C MET B 148 0.88 15.31 -23.41
N HIS B 149 1.21 15.21 -22.13
CA HIS B 149 0.75 16.21 -21.16
C HIS B 149 1.57 17.50 -21.29
N ARG B 150 2.88 17.34 -21.30
CA ARG B 150 3.79 18.46 -21.45
C ARG B 150 3.88 19.48 -20.31
N ASP B 151 3.30 19.19 -19.17
CA ASP B 151 3.41 20.10 -18.04
C ASP B 151 3.39 19.34 -16.72
N VAL B 152 4.09 18.20 -16.71
CA VAL B 152 4.19 17.38 -15.53
C VAL B 152 5.08 18.06 -14.50
N LYS B 153 4.52 18.29 -13.32
CA LYS B 153 5.25 18.89 -12.23
C LYS B 153 4.45 18.66 -10.95
N PRO B 154 5.10 18.77 -9.78
CA PRO B 154 4.40 18.56 -8.52
C PRO B 154 3.01 19.20 -8.43
N HIS B 155 2.90 20.47 -8.79
CA HIS B 155 1.61 21.14 -8.71
C HIS B 155 0.51 20.50 -9.56
N ASN B 156 0.87 19.93 -10.70
CA ASN B 156 -0.12 19.30 -11.56
C ASN B 156 -0.40 17.82 -11.21
N VAL B 157 0.27 17.34 -10.17
CA VAL B 157 0.06 15.98 -9.70
C VAL B 157 -0.60 16.13 -8.31
N MET B 158 -1.92 16.34 -8.32
CA MET B 158 -2.66 16.54 -7.09
C MET B 158 -2.83 15.26 -6.29
N ILE B 159 -2.40 15.31 -5.04
CA ILE B 159 -2.46 14.17 -4.15
C ILE B 159 -3.25 14.42 -2.88
N ASP B 160 -4.32 13.64 -2.69
CA ASP B 160 -5.11 13.73 -1.47
C ASP B 160 -4.58 12.55 -0.65
N HIS B 161 -3.59 12.82 0.17
CA HIS B 161 -2.92 11.81 1.00
C HIS B 161 -3.89 11.05 1.90
N GLU B 162 -4.82 11.79 2.51
CA GLU B 162 -5.81 11.19 3.39
C GLU B 162 -6.55 10.05 2.67
N LEU B 163 -6.87 10.27 1.39
CA LEU B 163 -7.58 9.26 0.62
C LEU B 163 -6.68 8.47 -0.33
N ARG B 164 -5.38 8.71 -0.27
CA ARG B 164 -4.44 8.02 -1.15
C ARG B 164 -4.92 8.15 -2.61
N LYS B 165 -5.43 9.33 -2.96
CA LYS B 165 -5.92 9.57 -4.30
C LYS B 165 -4.99 10.51 -5.08
N LEU B 166 -4.69 10.16 -6.32
CA LEU B 166 -3.83 11.00 -7.16
C LEU B 166 -4.55 11.41 -8.44
N ARG B 167 -4.39 12.67 -8.81
CA ARG B 167 -5.02 13.20 -10.02
C ARG B 167 -4.06 14.07 -10.83
N LEU B 168 -3.88 13.74 -12.10
CA LEU B 168 -3.02 14.53 -12.97
C LEU B 168 -3.94 15.60 -13.55
N ILE B 169 -3.68 16.85 -13.16
CA ILE B 169 -4.48 17.99 -13.60
C ILE B 169 -3.85 18.89 -14.67
N ASP B 170 -4.58 19.96 -14.97
CA ASP B 170 -4.22 20.99 -15.95
C ASP B 170 -3.69 20.48 -17.28
N TRP B 171 -4.60 20.20 -18.19
CA TRP B 171 -4.24 19.70 -19.52
C TRP B 171 -4.19 20.85 -20.54
N GLY B 172 -3.96 22.07 -20.07
CA GLY B 172 -3.89 23.23 -20.94
C GLY B 172 -2.69 23.26 -21.88
N LEU B 173 -1.64 22.49 -21.58
CA LEU B 173 -0.48 22.45 -22.45
C LEU B 173 -0.40 21.14 -23.23
N ALA B 174 -1.34 20.23 -22.96
CA ALA B 174 -1.34 18.93 -23.62
C ALA B 174 -1.58 19.02 -25.13
N GLU B 175 -1.08 18.02 -25.85
CA GLU B 175 -1.22 17.98 -27.29
C GLU B 175 -1.26 16.55 -27.84
N PHE B 176 -1.77 16.41 -29.07
CA PHE B 176 -1.85 15.12 -29.72
C PHE B 176 -0.52 14.83 -30.39
N TYR B 177 -0.04 13.60 -30.27
CA TYR B 177 1.22 13.22 -30.89
C TYR B 177 1.04 12.82 -32.34
N HIS B 178 1.92 13.32 -33.21
CA HIS B 178 1.91 13.02 -34.63
C HIS B 178 3.37 12.82 -35.04
N PRO B 179 3.70 11.64 -35.58
CA PRO B 179 5.07 11.32 -36.01
C PRO B 179 5.72 12.39 -36.90
N GLY B 180 6.91 12.82 -36.51
CA GLY B 180 7.64 13.81 -37.27
C GLY B 180 7.16 15.24 -37.13
N LYS B 181 6.12 15.48 -36.35
CA LYS B 181 5.64 16.84 -36.21
C LYS B 181 6.60 17.67 -35.38
N GLU B 182 6.72 18.95 -35.71
CA GLU B 182 7.60 19.84 -34.98
C GLU B 182 6.80 20.68 -34.01
N TYR B 183 6.98 20.42 -32.73
CA TYR B 183 6.24 21.12 -31.69
C TYR B 183 6.92 22.37 -31.15
N ASN B 184 6.15 23.20 -30.47
CA ASN B 184 6.68 24.40 -29.86
C ASN B 184 7.41 23.90 -28.62
N VAL B 185 8.58 24.45 -28.33
CA VAL B 185 9.36 24.02 -27.17
C VAL B 185 9.04 24.78 -25.88
N ARG B 186 8.29 25.86 -25.99
CA ARG B 186 7.94 26.63 -24.79
C ARG B 186 6.80 25.97 -24.02
N VAL B 187 7.08 24.79 -23.48
CA VAL B 187 6.12 24.04 -22.70
C VAL B 187 6.77 23.59 -21.41
N ALA B 188 5.95 23.12 -20.48
CA ALA B 188 6.40 22.65 -19.18
C ALA B 188 6.89 23.83 -18.35
N SER B 189 7.33 23.52 -17.14
CA SER B 189 7.87 24.52 -16.24
C SER B 189 9.38 24.37 -16.35
N ARG B 190 10.11 25.47 -16.24
CA ARG B 190 11.57 25.46 -16.36
C ARG B 190 12.30 24.28 -15.72
N TYR B 191 12.04 24.00 -14.45
CA TYR B 191 12.75 22.93 -13.75
C TYR B 191 12.46 21.53 -14.26
N PHE B 192 11.38 21.40 -15.03
CA PHE B 192 10.97 20.10 -15.54
C PHE B 192 11.07 19.97 -17.06
N LYS B 193 11.75 20.93 -17.70
CA LYS B 193 11.94 20.90 -19.14
C LYS B 193 12.99 19.87 -19.52
N GLY B 194 12.67 18.99 -20.47
CA GLY B 194 13.65 18.01 -20.89
C GLY B 194 14.75 18.64 -21.73
N PRO B 195 15.88 17.96 -21.93
CA PRO B 195 16.98 18.52 -22.73
C PRO B 195 16.54 18.92 -24.14
N GLU B 196 15.59 18.16 -24.71
CA GLU B 196 15.10 18.42 -26.06
C GLU B 196 14.52 19.82 -26.22
N LEU B 197 13.85 20.30 -25.19
CA LEU B 197 13.26 21.62 -25.22
C LEU B 197 14.33 22.68 -24.98
N LEU B 198 15.42 22.30 -24.32
CA LEU B 198 16.47 23.27 -24.03
C LEU B 198 17.44 23.45 -25.19
N VAL B 199 17.55 22.44 -26.05
CA VAL B 199 18.41 22.54 -27.22
C VAL B 199 17.59 22.65 -28.52
N ASP B 200 16.30 22.92 -28.38
CA ASP B 200 15.42 23.07 -29.54
C ASP B 200 15.20 21.84 -30.43
N LEU B 201 15.12 20.67 -29.82
CA LEU B 201 14.86 19.45 -30.59
C LEU B 201 13.34 19.43 -30.57
N GLN B 202 12.77 19.87 -31.68
CA GLN B 202 11.32 20.03 -31.83
C GLN B 202 10.45 18.80 -32.09
N ASP B 203 11.00 17.80 -32.75
CA ASP B 203 10.22 16.60 -33.02
C ASP B 203 10.33 15.61 -31.85
N TYR B 204 9.86 16.06 -30.67
CA TYR B 204 9.88 15.23 -29.48
C TYR B 204 8.57 14.45 -29.32
N ASP B 205 8.45 13.65 -28.27
CA ASP B 205 7.23 12.87 -28.08
C ASP B 205 6.83 12.62 -26.62
N TYR B 206 6.07 11.56 -26.40
CA TYR B 206 5.60 11.19 -25.06
C TYR B 206 6.76 11.12 -24.07
N SER B 207 7.93 10.73 -24.53
CA SER B 207 9.09 10.60 -23.67
C SER B 207 9.43 11.89 -22.92
N LEU B 208 8.93 13.03 -23.40
CA LEU B 208 9.16 14.32 -22.74
C LEU B 208 8.56 14.26 -21.33
N ASP B 209 7.39 13.63 -21.19
CA ASP B 209 6.75 13.52 -19.88
C ASP B 209 7.52 12.64 -18.90
N MET B 210 8.32 11.71 -19.42
CA MET B 210 9.10 10.80 -18.56
C MET B 210 10.33 11.49 -17.98
N TRP B 211 10.82 12.53 -18.65
CA TRP B 211 11.96 13.28 -18.14
C TRP B 211 11.42 14.13 -16.99
N SER B 212 10.22 14.68 -17.19
CA SER B 212 9.58 15.51 -16.17
C SER B 212 9.32 14.68 -14.92
N LEU B 213 8.83 13.46 -15.12
CA LEU B 213 8.55 12.56 -14.02
C LEU B 213 9.89 12.24 -13.32
N GLY B 214 10.92 12.03 -14.12
CA GLY B 214 12.23 11.75 -13.56
C GLY B 214 12.73 12.89 -12.67
N CYS B 215 12.50 14.13 -13.09
CA CYS B 215 12.96 15.27 -12.27
C CYS B 215 12.19 15.27 -10.94
N MET B 216 10.90 14.95 -11.01
CA MET B 216 10.05 14.89 -9.83
C MET B 216 10.51 13.79 -8.87
N PHE B 217 10.82 12.64 -9.44
CA PHE B 217 11.26 11.49 -8.66
C PHE B 217 12.57 11.79 -7.94
N ALA B 218 13.53 12.34 -8.67
CA ALA B 218 14.81 12.72 -8.11
C ALA B 218 14.58 13.69 -6.95
N GLY B 219 13.66 14.63 -7.17
CA GLY B 219 13.33 15.62 -6.16
C GLY B 219 12.73 15.01 -4.91
N MET B 220 11.87 14.01 -5.09
CA MET B 220 11.25 13.36 -3.94
C MET B 220 12.23 12.48 -3.16
N ILE B 221 12.92 11.54 -3.83
CA ILE B 221 13.85 10.66 -3.10
C ILE B 221 15.10 11.34 -2.52
N PHE B 222 15.55 12.45 -3.09
CA PHE B 222 16.73 13.14 -2.56
C PHE B 222 16.36 14.34 -1.71
N ARG B 223 15.07 14.61 -1.56
CA ARG B 223 14.59 15.75 -0.77
C ARG B 223 15.22 17.05 -1.24
N LYS B 224 15.26 17.22 -2.55
CA LYS B 224 15.81 18.42 -3.15
C LYS B 224 14.75 18.91 -4.14
N GLU B 225 13.75 19.61 -3.61
CA GLU B 225 12.62 20.15 -4.36
C GLU B 225 12.97 20.36 -5.84
N PRO B 226 13.30 21.59 -6.27
CA PRO B 226 13.60 21.53 -7.70
C PRO B 226 14.92 20.79 -7.79
N PHE B 227 14.92 19.57 -8.34
CA PHE B 227 16.16 18.84 -8.44
C PHE B 227 17.12 19.62 -9.31
N PHE B 228 16.61 20.07 -10.45
CA PHE B 228 17.38 20.87 -11.40
C PHE B 228 16.88 22.31 -11.29
N TYR B 229 17.57 23.11 -10.49
CA TYR B 229 17.18 24.50 -10.27
C TYR B 229 17.95 25.51 -11.11
N GLY B 230 17.45 25.76 -12.31
CA GLY B 230 18.08 26.73 -13.19
C GLY B 230 17.44 28.10 -13.04
N HIS B 231 18.18 29.14 -13.40
CA HIS B 231 17.66 30.50 -13.28
C HIS B 231 16.94 30.96 -14.54
N ASP B 232 17.24 30.31 -15.65
CA ASP B 232 16.61 30.61 -16.92
C ASP B 232 16.79 29.38 -17.81
N ASN B 233 16.25 29.43 -19.03
CA ASN B 233 16.36 28.29 -19.92
C ASN B 233 17.77 27.78 -20.22
N HIS B 234 18.71 28.70 -20.41
CA HIS B 234 20.09 28.33 -20.69
C HIS B 234 20.78 27.73 -19.49
N ASP B 235 20.55 28.34 -18.33
CA ASP B 235 21.14 27.87 -17.08
C ASP B 235 20.56 26.52 -16.66
N GLN B 236 19.35 26.24 -17.14
CA GLN B 236 18.69 24.98 -16.83
C GLN B 236 19.53 23.85 -17.44
N LEU B 237 19.96 24.03 -18.67
CA LEU B 237 20.78 23.01 -19.35
C LEU B 237 22.12 22.83 -18.64
N VAL B 238 22.69 23.93 -18.17
CA VAL B 238 23.97 23.89 -17.47
C VAL B 238 23.81 22.98 -16.25
N LYS B 239 22.79 23.26 -15.46
CA LYS B 239 22.50 22.49 -14.24
C LYS B 239 22.34 21.00 -14.55
N ILE B 240 21.66 20.69 -15.65
CA ILE B 240 21.50 19.29 -16.02
C ILE B 240 22.88 18.69 -16.33
N ALA B 241 23.65 19.39 -17.16
CA ALA B 241 24.97 18.89 -17.53
C ALA B 241 25.92 18.63 -16.36
N LYS B 242 25.79 19.41 -15.29
CA LYS B 242 26.63 19.24 -14.11
C LYS B 242 26.38 17.93 -13.37
N VAL B 243 25.26 17.29 -13.67
CA VAL B 243 24.94 16.03 -13.03
C VAL B 243 25.15 14.86 -13.97
N LEU B 244 24.53 14.92 -15.16
CA LEU B 244 24.65 13.84 -16.13
C LEU B 244 25.99 13.82 -16.86
N GLY B 245 26.69 14.95 -16.81
CA GLY B 245 27.98 15.02 -17.48
C GLY B 245 27.84 15.58 -18.88
N THR B 246 28.90 16.21 -19.37
CA THR B 246 28.88 16.82 -20.69
C THR B 246 29.18 15.85 -21.83
N ASP B 247 29.86 14.75 -21.54
CA ASP B 247 30.16 13.75 -22.56
C ASP B 247 28.88 13.17 -23.15
N GLY B 248 27.87 12.95 -22.29
CA GLY B 248 26.61 12.40 -22.74
C GLY B 248 25.86 13.43 -23.55
N LEU B 249 26.06 14.69 -23.19
CA LEU B 249 25.41 15.80 -23.89
C LEU B 249 25.91 15.89 -25.33
N ASN B 250 27.23 15.86 -25.49
CA ASN B 250 27.85 15.96 -26.80
C ASN B 250 27.50 14.78 -27.70
N VAL B 251 27.48 13.57 -27.13
CA VAL B 251 27.11 12.38 -27.89
C VAL B 251 25.68 12.58 -28.38
N TYR B 252 24.84 13.09 -27.48
CA TYR B 252 23.44 13.36 -27.77
C TYR B 252 23.29 14.44 -28.86
N LEU B 253 23.96 15.58 -28.68
CA LEU B 253 23.88 16.66 -29.67
C LEU B 253 24.44 16.17 -31.01
N ASN B 254 25.46 15.32 -30.94
CA ASN B 254 26.09 14.77 -32.13
C ASN B 254 25.12 13.84 -32.86
N LYS B 255 24.44 12.96 -32.10
CA LYS B 255 23.47 12.05 -32.70
C LYS B 255 22.40 12.82 -33.48
N TYR B 256 21.79 13.82 -32.85
CA TYR B 256 20.74 14.59 -33.49
C TYR B 256 21.22 15.79 -34.31
N ARG B 257 22.50 15.76 -34.65
CA ARG B 257 23.10 16.81 -35.46
C ARG B 257 22.73 18.22 -35.00
N ILE B 258 22.89 18.46 -33.70
CA ILE B 258 22.56 19.76 -33.16
C ILE B 258 23.80 20.50 -32.72
N GLU B 259 23.82 21.80 -32.99
CA GLU B 259 24.93 22.63 -32.59
C GLU B 259 24.42 23.78 -31.73
N LEU B 260 24.86 23.80 -30.49
CA LEU B 260 24.45 24.84 -29.55
C LEU B 260 25.00 26.20 -29.96
N ASP B 261 24.35 27.25 -29.47
CA ASP B 261 24.79 28.61 -29.71
C ASP B 261 26.12 28.73 -28.98
N PRO B 262 27.18 29.18 -29.66
CA PRO B 262 28.51 29.34 -29.07
C PRO B 262 28.55 29.91 -27.65
N GLN B 263 27.62 30.79 -27.32
CA GLN B 263 27.60 31.38 -25.98
C GLN B 263 27.04 30.38 -24.97
N LEU B 264 26.16 29.51 -25.44
CA LEU B 264 25.55 28.50 -24.59
C LEU B 264 26.53 27.35 -24.38
N GLU B 265 27.26 27.00 -25.44
CA GLU B 265 28.24 25.91 -25.35
C GLU B 265 29.29 26.26 -24.30
N ALA B 266 29.77 27.49 -24.36
CA ALA B 266 30.78 27.95 -23.41
C ALA B 266 30.21 27.99 -22.00
N LEU B 267 28.95 28.37 -21.90
CA LEU B 267 28.27 28.46 -20.61
C LEU B 267 28.12 27.08 -19.97
N VAL B 268 27.89 26.06 -20.79
CA VAL B 268 27.73 24.69 -20.31
C VAL B 268 29.09 24.13 -19.93
N GLY B 269 30.11 24.45 -20.73
CA GLY B 269 31.45 23.99 -20.42
C GLY B 269 31.63 22.48 -20.51
N ARG B 270 32.49 21.96 -19.64
CA ARG B 270 32.80 20.54 -19.58
C ARG B 270 32.64 20.07 -18.14
N HIS B 271 31.96 18.93 -17.95
CA HIS B 271 31.74 18.41 -16.60
C HIS B 271 31.69 16.88 -16.59
N SER B 272 32.12 16.29 -15.49
CA SER B 272 32.09 14.84 -15.32
C SER B 272 30.73 14.40 -14.79
N ARG B 273 30.35 13.17 -15.08
CA ARG B 273 29.09 12.64 -14.60
C ARG B 273 29.19 12.48 -13.08
N LYS B 274 28.25 13.05 -12.35
CA LYS B 274 28.24 12.93 -10.90
C LYS B 274 27.31 11.77 -10.55
N PRO B 275 27.87 10.66 -10.04
CA PRO B 275 27.06 9.48 -9.68
C PRO B 275 25.89 9.81 -8.75
N TRP B 276 24.75 9.17 -8.99
CA TRP B 276 23.54 9.41 -8.19
C TRP B 276 23.70 9.25 -6.69
N LEU B 277 24.57 8.34 -6.26
CA LEU B 277 24.77 8.13 -4.83
C LEU B 277 25.21 9.41 -4.11
N LYS B 278 25.90 10.30 -4.82
CA LYS B 278 26.38 11.53 -4.22
C LYS B 278 25.29 12.46 -3.70
N PHE B 279 24.04 12.19 -4.04
CA PHE B 279 22.97 13.05 -3.55
C PHE B 279 22.37 12.50 -2.25
N MET B 280 22.78 11.29 -1.88
CA MET B 280 22.29 10.68 -0.65
C MET B 280 22.91 11.32 0.58
N ASN B 281 22.12 11.44 1.63
CA ASN B 281 22.59 12.02 2.88
C ASN B 281 21.72 11.49 4.01
N ALA B 282 21.95 11.97 5.22
CA ALA B 282 21.21 11.53 6.41
C ALA B 282 19.72 11.83 6.33
N ASP B 283 19.39 12.95 5.71
CA ASP B 283 18.01 13.39 5.58
C ASP B 283 17.14 12.58 4.61
N ASN B 284 17.71 12.19 3.48
CA ASN B 284 16.96 11.44 2.47
C ASN B 284 17.26 9.95 2.40
N GLN B 285 18.23 9.51 3.20
CA GLN B 285 18.67 8.13 3.24
C GLN B 285 17.57 7.05 3.26
N HIS B 286 16.55 7.25 4.08
CA HIS B 286 15.46 6.28 4.17
C HIS B 286 14.64 6.16 2.89
N LEU B 287 14.83 7.07 1.95
CA LEU B 287 14.08 7.05 0.68
C LEU B 287 14.90 6.48 -0.46
N VAL B 288 16.21 6.35 -0.25
CA VAL B 288 17.11 5.83 -1.28
C VAL B 288 17.38 4.35 -1.15
N SER B 289 17.49 3.69 -2.30
CA SER B 289 17.79 2.27 -2.36
C SER B 289 18.45 2.04 -3.71
N PRO B 290 19.02 0.84 -3.92
CA PRO B 290 19.67 0.53 -5.20
C PRO B 290 18.66 0.59 -6.34
N GLU B 291 17.47 0.07 -6.11
CA GLU B 291 16.47 0.07 -7.17
C GLU B 291 15.96 1.48 -7.49
N ALA B 292 15.83 2.34 -6.48
CA ALA B 292 15.38 3.71 -6.74
C ALA B 292 16.40 4.42 -7.64
N ILE B 293 17.70 4.22 -7.35
CA ILE B 293 18.77 4.83 -8.14
C ILE B 293 18.74 4.31 -9.58
N ASP B 294 18.58 3.00 -9.74
CA ASP B 294 18.54 2.38 -11.05
C ASP B 294 17.35 2.93 -11.86
N PHE B 295 16.19 3.02 -11.22
CA PHE B 295 14.99 3.52 -11.88
C PHE B 295 15.23 4.95 -12.38
N LEU B 296 15.66 5.81 -11.46
CA LEU B 296 15.94 7.20 -11.78
C LEU B 296 16.91 7.33 -12.96
N ASP B 297 17.95 6.49 -12.93
CA ASP B 297 18.98 6.50 -13.97
C ASP B 297 18.42 6.19 -15.35
N LYS B 298 17.35 5.40 -15.40
CA LYS B 298 16.73 5.05 -16.68
C LYS B 298 15.68 6.04 -17.14
N LEU B 299 15.45 7.08 -16.33
CA LEU B 299 14.49 8.11 -16.69
C LEU B 299 15.22 9.38 -17.17
N LEU B 300 16.23 9.81 -16.42
CA LEU B 300 16.96 11.02 -16.78
C LEU B 300 18.09 10.78 -17.77
N ARG B 301 17.71 10.53 -19.01
CA ARG B 301 18.66 10.29 -20.07
C ARG B 301 18.54 11.44 -21.07
N TYR B 302 19.67 11.97 -21.53
CA TYR B 302 19.65 13.05 -22.51
C TYR B 302 18.77 12.64 -23.68
N ASP B 303 19.12 11.51 -24.26
CA ASP B 303 18.41 10.98 -25.41
C ASP B 303 17.01 10.50 -25.05
N HIS B 304 15.97 11.21 -25.51
CA HIS B 304 14.60 10.82 -25.20
C HIS B 304 14.28 9.39 -25.63
N GLN B 305 14.92 8.89 -26.69
CA GLN B 305 14.65 7.54 -27.17
C GLN B 305 15.14 6.45 -26.20
N GLU B 306 16.03 6.83 -25.28
CA GLU B 306 16.59 5.89 -24.32
C GLU B 306 15.83 5.77 -22.99
N ARG B 307 14.98 6.74 -22.69
CA ARG B 307 14.22 6.72 -21.44
C ARG B 307 13.16 5.62 -21.43
N LEU B 308 12.87 5.10 -20.24
CA LEU B 308 11.86 4.07 -20.08
C LEU B 308 10.51 4.68 -20.45
N THR B 309 9.65 3.89 -21.09
CA THR B 309 8.32 4.38 -21.45
C THR B 309 7.57 4.31 -20.12
N ALA B 310 6.35 4.82 -20.07
CA ALA B 310 5.60 4.77 -18.84
C ALA B 310 5.27 3.30 -18.50
N LEU B 311 4.86 2.55 -19.51
CA LEU B 311 4.52 1.12 -19.34
C LEU B 311 5.70 0.30 -18.83
N GLU B 312 6.88 0.46 -19.45
CA GLU B 312 8.08 -0.28 -19.04
C GLU B 312 8.42 0.04 -17.60
N ALA B 313 8.31 1.32 -17.25
CA ALA B 313 8.61 1.80 -15.90
C ALA B 313 7.82 1.05 -14.83
N MET B 314 6.56 0.74 -15.13
CA MET B 314 5.71 0.05 -14.17
C MET B 314 6.19 -1.33 -13.77
N THR B 315 7.03 -1.96 -14.58
CA THR B 315 7.53 -3.29 -14.23
C THR B 315 8.91 -3.28 -13.58
N HIS B 316 9.45 -2.09 -13.36
CA HIS B 316 10.76 -2.00 -12.72
C HIS B 316 10.62 -2.54 -11.30
N PRO B 317 11.66 -3.23 -10.78
CA PRO B 317 11.66 -3.82 -9.43
C PRO B 317 11.26 -2.86 -8.31
N TYR B 318 11.54 -1.58 -8.52
CA TYR B 318 11.22 -0.54 -7.52
C TYR B 318 9.73 -0.52 -7.14
N PHE B 319 8.86 -0.88 -8.07
CA PHE B 319 7.43 -0.90 -7.83
C PHE B 319 6.90 -2.32 -7.55
N GLN B 320 7.79 -3.26 -7.27
CA GLN B 320 7.38 -4.66 -7.03
C GLN B 320 6.31 -4.85 -5.95
N GLN B 321 6.48 -4.21 -4.80
CA GLN B 321 5.49 -4.35 -3.72
C GLN B 321 4.11 -3.83 -4.11
N VAL B 322 4.08 -2.58 -4.55
CA VAL B 322 2.87 -1.87 -4.94
C VAL B 322 1.83 -2.66 -5.75
N ARG B 323 2.13 -2.83 -7.04
CA ARG B 323 1.27 -3.48 -8.02
C ARG B 323 0.03 -4.25 -7.48
N ALA B 324 0.18 -5.52 -7.09
CA ALA B 324 -0.98 -6.28 -6.65
C ALA B 324 -1.61 -5.87 -5.33
N ALA B 325 -0.76 -5.56 -4.35
CA ALA B 325 -1.20 -5.18 -3.02
C ALA B 325 -2.52 -4.43 -2.96
N GLU B 326 -2.79 -3.54 -3.92
CA GLU B 326 -4.03 -2.78 -3.88
C GLU B 326 -5.21 -3.41 -4.61
N ASN B 327 -5.36 -4.72 -4.46
CA ASN B 327 -6.45 -5.45 -5.09
C ASN B 327 -6.58 -6.88 -4.55
N SER B 328 -5.75 -7.78 -5.09
CA SER B 328 -5.77 -9.18 -4.69
C SER B 328 -4.62 -9.48 -3.71
#